data_6LOH
#
_entry.id   6LOH
#
_cell.length_a   150.231
_cell.length_b   150.231
_cell.length_c   342.645
_cell.angle_alpha   90.000
_cell.angle_beta   90.000
_cell.angle_gamma   120.000
#
_symmetry.space_group_name_H-M   'P 65 2 2'
#
loop_
_entity.id
_entity.type
_entity.pdbx_description
1 polymer 'Apoptosis-resistant E3 ubiquitin protein ligase 1'
2 water water
#
_entity_poly.entity_id   1
_entity_poly.type   'polypeptide(L)'
_entity_poly.pdbx_seq_one_letter_code
;HHHHHHENLYFQGSETFQDKVNFFQRELRQVHMKRPHSKVTLKVSRHALLESSLKATRNFSISDWSKNFEVVFQDEEALD
WGGPRREWFELICKALFDTTNQLFTRFSDNNQALVHPNPNRPAHLRLKMYEFAGRLVGKCLYESSLGGAYKQLVRARFTR
SFLAQIIGLRMHYKYFETDDPEFYKSKVCFILNNDMSEMELVFAEEKYNKSGQLDKVVELMTGGAQTPVTNANKIFYLNL
LAQYRLASQVKEEVEHFLKGLNELVPENLLAIFDENELELLMCGTGDISVSDFKAHAVVVGGSWHFREKVMRWFWTVVSS
LTQEELARLLQFTTGSSQLPPGGFAALCPSFQIIAAPTHSTLPTAHTCFNQLCLPTYDSYEEVHRMLQL
;
_entity_poly.pdbx_strand_id   A,B,C
#
# COMPACT_ATOMS: atom_id res chain seq x y z
N GLY A 13 28.22 39.39 -12.51
CA GLY A 13 26.81 39.92 -12.42
C GLY A 13 25.76 38.85 -12.72
N SER A 14 25.80 37.72 -12.00
CA SER A 14 24.73 36.69 -11.93
C SER A 14 24.83 35.91 -10.61
N GLU A 15 24.39 34.64 -10.55
CA GLU A 15 24.02 33.91 -9.30
C GLU A 15 24.87 32.63 -9.13
N THR A 16 25.49 32.45 -7.96
CA THR A 16 26.28 31.24 -7.58
C THR A 16 25.36 30.08 -7.17
N PHE A 17 25.84 28.84 -7.25
CA PHE A 17 25.04 27.63 -6.89
C PHE A 17 24.45 27.82 -5.50
N GLN A 18 25.28 28.22 -4.54
CA GLN A 18 24.90 28.33 -3.10
C GLN A 18 23.70 29.26 -2.98
N ASP A 19 23.71 30.40 -3.68
CA ASP A 19 22.61 31.41 -3.70
C ASP A 19 21.30 30.73 -4.12
N LYS A 20 21.33 29.98 -5.22
CA LYS A 20 20.16 29.24 -5.74
C LYS A 20 19.61 28.31 -4.66
N VAL A 21 20.51 27.58 -3.99
CA VAL A 21 20.10 26.58 -2.95
C VAL A 21 19.36 27.31 -1.85
N ASN A 22 19.94 28.40 -1.33
CA ASN A 22 19.34 29.19 -0.23
C ASN A 22 17.97 29.74 -0.68
N PHE A 23 17.91 30.30 -1.89
CA PHE A 23 16.62 30.82 -2.43
C PHE A 23 15.61 29.66 -2.48
N PHE A 24 16.01 28.52 -3.05
CA PHE A 24 15.14 27.32 -3.25
C PHE A 24 14.65 26.83 -1.89
N GLN A 25 15.56 26.69 -0.90
CA GLN A 25 15.24 26.12 0.42
C GLN A 25 14.30 27.09 1.14
N ARG A 26 14.59 28.40 1.07
CA ARG A 26 13.72 29.45 1.69
C ARG A 26 12.31 29.40 1.09
N GLU A 27 12.17 29.51 -0.23
CA GLU A 27 10.91 29.50 -1.00
C GLU A 27 10.10 28.26 -0.61
N LEU A 28 10.80 27.18 -0.26
CA LEU A 28 10.21 25.82 -0.10
C LEU A 28 9.61 25.76 1.32
N ARG A 29 10.35 26.24 2.33
CA ARG A 29 9.87 26.39 3.74
C ARG A 29 8.57 27.22 3.78
N GLN A 30 8.57 28.36 3.08
CA GLN A 30 7.42 29.30 2.96
C GLN A 30 6.22 28.59 2.30
N VAL A 31 6.47 27.67 1.33
CA VAL A 31 5.37 26.89 0.67
C VAL A 31 4.69 25.98 1.72
N HIS A 32 5.41 25.57 2.76
CA HIS A 32 4.96 24.62 3.82
C HIS A 32 4.86 25.30 5.18
N MET A 33 4.91 26.64 5.27
CA MET A 33 4.76 27.38 6.56
C MET A 33 3.50 26.85 7.26
N LYS A 34 2.41 26.72 6.49
CA LYS A 34 1.05 26.30 6.95
C LYS A 34 0.96 24.78 7.16
N ARG A 35 1.96 23.99 6.71
CA ARG A 35 2.03 22.52 6.94
C ARG A 35 2.68 22.26 8.29
N PRO A 36 2.33 21.16 8.99
CA PRO A 36 2.54 21.03 10.44
C PRO A 36 3.92 20.46 10.86
N HIS A 37 4.49 21.01 11.93
CA HIS A 37 5.75 20.55 12.60
C HIS A 37 5.37 19.62 13.77
N SER A 38 4.88 18.41 13.44
CA SER A 38 4.37 17.31 14.32
C SER A 38 4.81 15.96 13.74
N LYS A 39 4.30 14.84 14.27
CA LYS A 39 4.85 13.49 14.06
C LYS A 39 3.88 12.66 13.22
N VAL A 40 4.41 11.69 12.47
CA VAL A 40 3.58 10.64 11.79
C VAL A 40 4.42 9.35 11.73
N THR A 41 3.79 8.20 11.93
CA THR A 41 4.51 6.90 12.05
C THR A 41 4.41 6.15 10.73
N LEU A 42 5.49 5.45 10.37
CA LEU A 42 5.54 4.38 9.33
C LEU A 42 5.95 3.05 9.98
N LYS A 43 5.34 1.94 9.60
CA LYS A 43 5.89 0.61 9.95
C LYS A 43 6.20 -0.11 8.65
N VAL A 44 7.45 -0.54 8.47
CA VAL A 44 7.98 -1.14 7.20
C VAL A 44 8.68 -2.45 7.53
N SER A 45 8.90 -3.24 6.47
CA SER A 45 9.48 -4.60 6.45
C SER A 45 10.70 -4.60 5.53
N ARG A 46 11.89 -4.81 6.08
CA ARG A 46 13.14 -4.86 5.28
C ARG A 46 12.97 -5.87 4.14
N HIS A 47 12.36 -7.04 4.40
CA HIS A 47 12.11 -8.13 3.42
C HIS A 47 11.59 -7.54 2.11
N ALA A 48 10.50 -6.76 2.17
CA ALA A 48 9.80 -6.14 1.01
C ALA A 48 9.58 -4.64 1.27
N LEU A 49 10.64 -3.84 1.15
CA LEU A 49 10.69 -2.45 1.69
C LEU A 49 9.80 -1.52 0.87
N LEU A 50 9.93 -1.57 -0.46
CA LEU A 50 9.16 -0.67 -1.35
C LEU A 50 7.68 -0.91 -1.10
N GLU A 51 7.25 -2.18 -1.14
CA GLU A 51 5.80 -2.57 -1.07
C GLU A 51 5.19 -2.14 0.27
N SER A 52 5.92 -2.40 1.36
CA SER A 52 5.51 -2.06 2.75
C SER A 52 5.57 -0.54 2.99
N SER A 53 6.51 0.15 2.33
CA SER A 53 6.67 1.62 2.45
C SER A 53 5.52 2.33 1.73
N LEU A 54 5.05 1.73 0.64
CA LEU A 54 3.88 2.26 -0.12
C LEU A 54 2.65 2.15 0.79
N LYS A 55 2.42 0.95 1.35
CA LYS A 55 1.23 0.64 2.19
C LYS A 55 1.27 1.44 3.48
N ALA A 56 2.47 1.70 4.01
CA ALA A 56 2.69 2.49 5.24
C ALA A 56 2.13 3.89 5.03
N THR A 57 2.22 4.42 3.81
CA THR A 57 1.94 5.84 3.44
C THR A 57 0.70 5.95 2.53
N ARG A 58 0.04 4.81 2.22
CA ARG A 58 -1.10 4.73 1.27
C ARG A 58 -2.21 5.68 1.73
N ASN A 59 -2.37 5.82 3.05
CA ASN A 59 -3.53 6.58 3.59
C ASN A 59 -3.19 8.05 3.80
N PHE A 60 -1.92 8.43 3.68
CA PHE A 60 -1.39 9.78 3.97
C PHE A 60 -1.90 10.82 2.96
N SER A 61 -1.89 12.08 3.40
CA SER A 61 -2.18 13.28 2.60
C SER A 61 -0.86 13.97 2.23
N ILE A 62 -0.95 15.04 1.45
CA ILE A 62 0.21 15.88 1.11
C ILE A 62 0.73 16.46 2.43
N SER A 63 -0.20 16.89 3.29
CA SER A 63 0.10 17.52 4.60
C SER A 63 0.93 16.53 5.41
N ASP A 64 0.58 15.25 5.33
CA ASP A 64 1.21 14.18 6.16
C ASP A 64 2.66 14.03 5.72
N TRP A 65 2.94 14.11 4.41
CA TRP A 65 4.28 13.98 3.82
C TRP A 65 5.20 15.09 4.32
N SER A 66 4.65 16.14 4.93
CA SER A 66 5.44 17.28 5.44
C SER A 66 5.92 17.00 6.85
N LYS A 67 5.15 16.19 7.57
CA LYS A 67 5.40 15.84 8.99
C LYS A 67 6.64 14.96 9.07
N ASN A 68 7.33 15.05 10.22
CA ASN A 68 8.55 14.23 10.53
C ASN A 68 8.18 12.75 10.63
N PHE A 69 8.96 11.90 9.94
CA PHE A 69 8.71 10.44 9.84
C PHE A 69 9.32 9.73 11.05
N GLU A 70 8.47 9.02 11.79
CA GLU A 70 8.87 8.06 12.83
C GLU A 70 8.82 6.67 12.21
N VAL A 71 9.94 6.13 11.73
CA VAL A 71 9.95 4.81 11.05
C VAL A 71 10.31 3.72 12.06
N VAL A 72 9.50 2.67 12.07
CA VAL A 72 9.71 1.38 12.82
C VAL A 72 9.79 0.27 11.79
N PHE A 73 10.88 -0.50 11.79
CA PHE A 73 10.98 -1.82 11.14
C PHE A 73 10.44 -2.90 12.10
N GLN A 74 9.93 -3.99 11.48
CA GLN A 74 9.79 -5.33 12.14
C GLN A 74 11.18 -5.94 12.30
N ASP A 75 11.50 -6.44 13.49
CA ASP A 75 12.84 -7.03 13.80
C ASP A 75 13.90 -5.94 14.08
N GLU A 76 13.52 -4.88 14.80
CA GLU A 76 14.40 -4.02 15.65
C GLU A 76 13.60 -2.78 16.02
N GLU A 77 13.63 -2.38 17.30
CA GLU A 77 12.71 -1.35 17.85
C GLU A 77 13.51 -0.30 18.62
N GLY A 82 15.54 8.69 15.00
CA GLY A 82 16.49 9.17 13.97
C GLY A 82 17.28 8.06 13.27
N GLY A 83 17.82 7.13 14.06
CA GLY A 83 18.63 5.97 13.65
C GLY A 83 17.91 5.12 12.61
N PRO A 84 16.62 4.76 12.81
CA PRO A 84 15.85 4.10 11.77
C PRO A 84 15.33 5.05 10.67
N ARG A 85 15.11 6.33 10.95
CA ARG A 85 14.68 7.30 9.91
C ARG A 85 15.75 7.30 8.81
N ARG A 86 17.01 7.58 9.17
CA ARG A 86 18.16 7.63 8.21
C ARG A 86 18.18 6.28 7.48
N GLU A 87 18.11 5.20 8.24
CA GLU A 87 18.18 3.83 7.67
C GLU A 87 17.08 3.66 6.62
N TRP A 88 15.82 4.04 6.91
CA TRP A 88 14.69 3.97 5.95
C TRP A 88 15.00 4.75 4.65
N PHE A 89 15.35 6.04 4.77
CA PHE A 89 15.67 6.92 3.63
C PHE A 89 16.78 6.27 2.77
N GLU A 90 17.81 5.74 3.42
CA GLU A 90 18.96 5.09 2.76
C GLU A 90 18.40 3.95 1.90
N LEU A 91 17.59 3.09 2.51
CA LEU A 91 17.12 1.82 1.90
C LEU A 91 16.04 2.09 0.87
N ILE A 92 15.12 3.00 1.15
CA ILE A 92 14.00 3.32 0.22
C ILE A 92 14.62 3.85 -1.06
N CYS A 93 15.66 4.67 -0.96
CA CYS A 93 16.32 5.31 -2.13
C CYS A 93 16.90 4.17 -2.99
N LYS A 94 17.70 3.30 -2.36
CA LYS A 94 18.24 2.10 -3.03
C LYS A 94 17.10 1.32 -3.66
N ALA A 95 16.06 1.01 -2.89
CA ALA A 95 14.91 0.20 -3.37
C ALA A 95 14.37 0.76 -4.70
N LEU A 96 14.17 2.08 -4.79
CA LEU A 96 13.63 2.75 -5.99
C LEU A 96 14.65 2.81 -7.14
N PHE A 97 15.78 3.44 -6.86
CA PHE A 97 16.76 3.96 -7.83
C PHE A 97 17.95 3.04 -8.09
N ASP A 98 18.13 2.02 -7.26
CA ASP A 98 19.32 1.14 -7.37
C ASP A 98 19.15 0.15 -8.51
N THR A 99 17.99 0.16 -9.13
CA THR A 99 17.68 -0.64 -10.31
C THR A 99 17.58 -2.15 -10.12
N THR A 100 17.56 -2.63 -8.90
CA THR A 100 17.45 -4.06 -8.71
C THR A 100 16.10 -4.57 -9.16
N ASN A 101 15.07 -3.81 -8.83
CA ASN A 101 13.67 -4.15 -9.11
C ASN A 101 13.29 -3.69 -10.51
N GLN A 102 14.26 -3.16 -11.24
CA GLN A 102 14.06 -2.69 -12.63
C GLN A 102 12.90 -1.66 -12.69
N LEU A 103 12.62 -0.96 -11.60
CA LEU A 103 11.74 0.21 -11.61
C LEU A 103 12.46 1.31 -12.38
N PHE A 104 13.70 1.59 -11.98
CA PHE A 104 14.67 2.35 -12.80
C PHE A 104 15.64 1.35 -13.41
N THR A 105 16.36 1.80 -14.41
CA THR A 105 17.17 0.91 -15.28
C THR A 105 18.28 1.73 -15.91
N ARG A 106 19.36 1.08 -16.38
CA ARG A 106 20.45 1.73 -17.14
C ARG A 106 20.41 1.27 -18.59
N PHE A 107 20.90 2.08 -19.53
CA PHE A 107 20.92 1.69 -20.96
C PHE A 107 22.12 0.81 -21.28
N SER A 108 23.28 1.20 -20.77
CA SER A 108 24.52 0.39 -20.78
C SER A 108 24.51 -0.66 -19.65
N ASP A 109 24.84 -1.92 -19.96
CA ASP A 109 24.84 -3.04 -19.00
C ASP A 109 26.06 -2.90 -18.10
N ASN A 110 26.55 -1.70 -17.91
CA ASN A 110 27.68 -1.50 -17.02
C ASN A 110 27.01 -1.20 -15.71
N ASN A 111 27.51 -1.74 -14.62
CA ASN A 111 26.87 -1.46 -13.30
C ASN A 111 27.34 -0.19 -12.60
N GLN A 112 27.87 0.75 -13.35
CA GLN A 112 28.27 2.07 -12.88
C GLN A 112 27.51 3.12 -13.67
N ALA A 113 26.70 2.73 -14.63
CA ALA A 113 26.04 3.71 -15.47
C ALA A 113 24.90 4.38 -14.72
N LEU A 114 24.45 5.49 -15.26
CA LEU A 114 23.38 6.25 -14.57
C LEU A 114 22.02 5.62 -14.85
N VAL A 115 21.01 6.01 -14.08
CA VAL A 115 19.69 5.34 -14.06
C VAL A 115 18.60 6.26 -14.58
N HIS A 116 17.52 5.67 -15.05
CA HIS A 116 16.43 6.27 -15.86
C HIS A 116 15.13 5.52 -15.59
N PRO A 117 13.93 6.16 -15.58
CA PRO A 117 12.68 5.41 -15.46
C PRO A 117 12.67 4.34 -16.56
N ASN A 118 12.11 3.16 -16.27
CA ASN A 118 12.17 1.99 -17.19
C ASN A 118 11.27 2.26 -18.38
N PRO A 119 11.86 2.30 -19.61
CA PRO A 119 11.10 2.54 -20.84
C PRO A 119 9.99 1.50 -21.04
N ASN A 120 10.34 0.22 -20.83
CA ASN A 120 9.50 -1.00 -20.98
C ASN A 120 9.44 -1.74 -19.65
N ARG A 121 8.62 -1.27 -18.70
CA ARG A 121 8.58 -1.80 -17.31
C ARG A 121 7.83 -3.14 -17.24
N PRO A 122 8.29 -4.11 -16.44
CA PRO A 122 7.44 -5.20 -15.99
C PRO A 122 6.08 -4.66 -15.57
N ALA A 123 4.99 -5.30 -15.98
CA ALA A 123 3.60 -4.89 -15.65
C ALA A 123 3.46 -4.84 -14.12
N HIS A 124 4.22 -5.69 -13.40
CA HIS A 124 4.06 -5.92 -11.93
C HIS A 124 4.55 -4.68 -11.16
N LEU A 125 5.08 -3.65 -11.83
CA LEU A 125 5.39 -2.33 -11.24
C LEU A 125 4.38 -1.32 -11.77
N ARG A 126 3.40 -0.96 -10.94
CA ARG A 126 2.37 0.03 -11.34
C ARG A 126 2.99 1.44 -11.38
N LEU A 127 2.29 2.37 -12.02
CA LEU A 127 2.67 3.81 -12.09
C LEU A 127 2.60 4.48 -10.71
N LYS A 128 1.83 3.97 -9.75
CA LYS A 128 1.78 4.55 -8.39
C LYS A 128 3.21 4.57 -7.84
N MET A 129 4.03 3.58 -8.17
CA MET A 129 5.42 3.48 -7.64
C MET A 129 6.27 4.68 -8.09
N TYR A 130 6.09 5.18 -9.31
CA TYR A 130 6.80 6.37 -9.84
C TYR A 130 6.35 7.62 -9.07
N GLU A 131 5.04 7.79 -8.88
CA GLU A 131 4.46 8.87 -8.02
C GLU A 131 5.10 8.82 -6.63
N PHE A 132 5.18 7.64 -6.02
CA PHE A 132 5.80 7.46 -4.69
C PHE A 132 7.25 7.94 -4.75
N ALA A 133 7.97 7.55 -5.80
CA ALA A 133 9.39 7.96 -6.03
C ALA A 133 9.47 9.49 -5.95
N GLY A 134 8.54 10.16 -6.61
CA GLY A 134 8.50 11.63 -6.71
C GLY A 134 8.21 12.26 -5.37
N ARG A 135 7.31 11.65 -4.60
CA ARG A 135 6.96 12.10 -3.24
C ARG A 135 8.23 11.96 -2.37
N LEU A 136 8.96 10.87 -2.55
CA LEU A 136 10.14 10.55 -1.71
C LEU A 136 11.23 11.57 -2.04
N VAL A 137 11.54 11.77 -3.32
CA VAL A 137 12.52 12.78 -3.79
C VAL A 137 12.06 14.14 -3.29
N GLY A 138 10.76 14.41 -3.36
CA GLY A 138 10.17 15.66 -2.84
C GLY A 138 10.50 15.83 -1.37
N LYS A 139 10.17 14.80 -0.57
CA LYS A 139 10.37 14.80 0.90
C LYS A 139 11.85 15.03 1.19
N CYS A 140 12.80 14.34 0.55
CA CYS A 140 14.25 14.55 0.79
C CYS A 140 14.60 16.04 0.62
N LEU A 141 14.18 16.66 -0.50
CA LEU A 141 14.43 18.09 -0.79
C LEU A 141 13.87 18.98 0.33
N TYR A 142 12.68 18.62 0.80
CA TYR A 142 11.90 19.40 1.79
C TYR A 142 12.57 19.32 3.16
N GLU A 143 12.76 18.12 3.72
CA GLU A 143 13.47 17.90 5.00
C GLU A 143 14.86 18.54 4.87
N SER A 144 15.56 18.35 3.74
CA SER A 144 16.91 18.94 3.51
C SER A 144 16.83 20.45 3.75
N SER A 145 15.67 21.05 3.47
CA SER A 145 15.47 22.52 3.49
C SER A 145 15.30 23.07 4.91
N LEU A 146 14.93 22.24 5.90
CA LEU A 146 14.56 22.69 7.27
C LEU A 146 15.82 22.90 8.11
N GLY A 147 16.91 22.17 7.85
CA GLY A 147 18.16 22.36 8.59
C GLY A 147 19.00 21.10 8.59
N GLY A 148 20.19 21.17 9.20
CA GLY A 148 21.17 20.07 9.28
C GLY A 148 20.59 18.89 10.02
N ALA A 149 19.72 19.12 11.01
CA ALA A 149 19.03 18.09 11.82
C ALA A 149 18.25 17.11 10.91
N TYR A 150 17.50 17.64 9.93
CA TYR A 150 16.44 16.91 9.18
C TYR A 150 16.97 16.43 7.82
N LYS A 151 18.15 16.93 7.41
CA LYS A 151 18.73 16.71 6.06
C LYS A 151 18.63 15.24 5.59
N GLN A 152 18.06 15.03 4.42
CA GLN A 152 18.07 13.70 3.74
C GLN A 152 18.51 13.89 2.30
N LEU A 153 19.66 13.38 1.93
CA LEU A 153 20.10 13.44 0.52
C LEU A 153 19.58 12.22 -0.24
N VAL A 154 19.21 12.41 -1.51
CA VAL A 154 18.73 11.34 -2.42
C VAL A 154 19.93 10.50 -2.82
N ARG A 155 19.92 9.19 -2.57
CA ARG A 155 21.04 8.28 -2.92
C ARG A 155 20.73 7.65 -4.27
N ALA A 156 21.08 8.35 -5.35
CA ALA A 156 20.79 7.92 -6.75
C ALA A 156 21.64 8.71 -7.74
N ARG A 157 22.04 8.04 -8.83
CA ARG A 157 22.89 8.60 -9.90
C ARG A 157 22.05 8.72 -11.16
N PHE A 158 21.21 9.75 -11.27
CA PHE A 158 20.23 9.85 -12.37
C PHE A 158 20.93 10.23 -13.69
N THR A 159 20.36 9.76 -14.80
CA THR A 159 20.66 10.27 -16.16
C THR A 159 20.49 11.79 -16.16
N ARG A 160 21.21 12.51 -17.03
CA ARG A 160 21.00 13.97 -17.19
C ARG A 160 19.63 14.17 -17.85
N SER A 161 19.29 13.33 -18.84
CA SER A 161 17.98 13.44 -19.55
C SER A 161 16.84 13.41 -18.54
N PHE A 162 16.94 12.62 -17.48
CA PHE A 162 15.86 12.46 -16.47
C PHE A 162 15.80 13.73 -15.63
N LEU A 163 16.96 14.21 -15.19
CA LEU A 163 17.07 15.42 -14.33
C LEU A 163 16.49 16.61 -15.11
N ALA A 164 16.81 16.65 -16.41
CA ALA A 164 16.35 17.68 -17.35
C ALA A 164 14.83 17.58 -17.53
N GLN A 165 14.24 16.38 -17.52
CA GLN A 165 12.77 16.21 -17.68
C GLN A 165 12.08 16.75 -16.43
N ILE A 166 12.65 16.46 -15.25
CA ILE A 166 12.20 17.03 -13.95
C ILE A 166 12.10 18.56 -14.06
N ILE A 167 13.16 19.24 -14.50
CA ILE A 167 13.22 20.72 -14.64
C ILE A 167 12.25 21.23 -15.71
N GLY A 168 12.07 20.47 -16.81
CA GLY A 168 11.11 20.74 -17.88
C GLY A 168 11.79 21.11 -19.22
N LEU A 169 13.07 20.75 -19.39
CA LEU A 169 13.89 21.08 -20.58
C LEU A 169 13.64 20.10 -21.73
N ARG A 170 13.80 20.59 -22.97
CA ARG A 170 13.98 19.82 -24.24
C ARG A 170 15.18 18.89 -24.14
N MET A 171 15.08 17.69 -24.74
CA MET A 171 16.21 16.74 -24.79
C MET A 171 17.20 17.21 -25.87
N HIS A 172 18.49 17.05 -25.62
CA HIS A 172 19.58 17.39 -26.57
C HIS A 172 20.55 16.21 -26.60
N TYR A 173 21.19 15.97 -27.74
CA TYR A 173 21.98 14.73 -27.98
C TYR A 173 23.17 14.71 -26.99
N LYS A 174 23.59 15.88 -26.50
CA LYS A 174 24.69 15.93 -25.50
C LYS A 174 24.35 14.91 -24.38
N TYR A 175 23.08 14.69 -24.07
CA TYR A 175 22.65 13.84 -22.92
C TYR A 175 23.06 12.39 -23.16
N PHE A 176 23.24 11.97 -24.42
CA PHE A 176 23.65 10.58 -24.74
C PHE A 176 25.03 10.28 -24.13
N GLU A 177 25.91 11.29 -24.04
CA GLU A 177 27.33 11.11 -23.61
C GLU A 177 27.37 10.47 -22.21
N THR A 178 26.32 10.71 -21.40
CA THR A 178 26.27 10.42 -19.94
C THR A 178 25.30 9.27 -19.65
N ASP A 179 24.30 9.10 -20.53
CA ASP A 179 23.07 8.31 -20.29
C ASP A 179 23.13 6.99 -21.07
N ASP A 180 23.77 6.99 -22.24
CA ASP A 180 23.94 5.77 -23.08
C ASP A 180 25.27 5.83 -23.84
N PRO A 181 26.40 5.76 -23.11
CA PRO A 181 27.71 5.80 -23.73
C PRO A 181 27.78 4.97 -25.02
N GLU A 182 27.53 3.65 -24.94
CA GLU A 182 27.55 2.69 -26.05
C GLU A 182 27.01 3.42 -27.30
N PHE A 183 25.89 4.07 -27.12
CA PHE A 183 25.09 4.69 -28.21
C PHE A 183 25.75 5.97 -28.69
N TYR A 184 26.37 6.75 -27.82
CA TYR A 184 27.12 7.97 -28.20
C TYR A 184 28.34 7.55 -28.99
N LYS A 185 29.19 6.73 -28.37
CA LYS A 185 30.42 6.15 -28.97
C LYS A 185 30.09 5.57 -30.34
N SER A 186 29.07 4.74 -30.44
CA SER A 186 28.77 3.96 -31.68
C SER A 186 28.11 4.86 -32.74
N LYS A 187 26.92 5.38 -32.50
CA LYS A 187 26.09 6.02 -33.57
C LYS A 187 26.25 7.54 -33.59
N VAL A 188 26.09 8.20 -32.44
CA VAL A 188 25.99 9.70 -32.40
C VAL A 188 27.31 10.27 -32.92
N CYS A 189 28.43 9.87 -32.30
CA CYS A 189 29.81 10.25 -32.70
C CYS A 189 30.01 10.05 -34.20
N PHE A 190 29.78 8.84 -34.71
CA PHE A 190 29.81 8.52 -36.16
C PHE A 190 29.16 9.65 -36.95
N ILE A 191 27.86 9.89 -36.72
CA ILE A 191 27.05 10.93 -37.45
C ILE A 191 27.72 12.30 -37.29
N LEU A 192 28.21 12.64 -36.09
CA LEU A 192 28.75 14.01 -35.85
C LEU A 192 30.07 14.16 -36.59
N ASN A 193 30.75 13.04 -36.89
CA ASN A 193 32.20 13.02 -37.24
C ASN A 193 32.41 12.53 -38.67
N ASN A 194 31.33 12.39 -39.44
CA ASN A 194 31.41 11.86 -40.83
C ASN A 194 30.61 12.78 -41.76
N ASP A 195 30.91 12.66 -43.05
CA ASP A 195 30.18 13.31 -44.15
C ASP A 195 28.90 12.50 -44.38
N MET A 196 27.72 13.11 -44.25
CA MET A 196 26.43 12.41 -44.38
C MET A 196 26.04 12.33 -45.85
N SER A 197 26.87 12.93 -46.71
CA SER A 197 26.62 13.13 -48.17
C SER A 197 26.96 11.84 -48.94
N GLU A 198 27.47 10.81 -48.26
CA GLU A 198 27.85 9.54 -48.93
C GLU A 198 27.49 8.40 -47.99
N MET A 199 26.33 8.48 -47.30
CA MET A 199 25.93 7.49 -46.28
C MET A 199 24.52 6.99 -46.56
N GLU A 200 23.63 7.88 -47.02
CA GLU A 200 22.20 7.59 -47.24
C GLU A 200 21.54 7.11 -45.94
N LEU A 201 21.64 7.86 -44.84
CA LEU A 201 20.83 7.69 -43.61
C LEU A 201 19.54 8.51 -43.73
N VAL A 202 18.54 8.28 -42.88
CA VAL A 202 17.27 9.08 -42.89
C VAL A 202 16.76 9.33 -41.46
N PHE A 203 15.69 10.14 -41.38
CA PHE A 203 15.01 10.54 -40.13
C PHE A 203 14.01 9.46 -39.74
N ALA A 204 14.42 8.21 -39.77
CA ALA A 204 13.68 7.08 -39.16
C ALA A 204 14.61 6.30 -38.26
N GLU A 205 14.05 5.48 -37.37
CA GLU A 205 14.80 4.45 -36.62
C GLU A 205 14.16 3.10 -36.91
N GLU A 206 14.96 2.06 -37.12
CA GLU A 206 14.48 0.70 -37.42
C GLU A 206 14.51 -0.08 -36.13
N LYS A 207 13.36 -0.50 -35.61
CA LYS A 207 13.18 -1.39 -34.46
C LYS A 207 13.17 -2.84 -34.97
N TYR A 208 13.87 -3.72 -34.26
CA TYR A 208 13.96 -5.18 -34.53
C TYR A 208 13.54 -5.92 -33.26
N ASN A 209 13.02 -7.15 -33.41
CA ASN A 209 12.51 -8.01 -32.30
C ASN A 209 13.69 -8.64 -31.54
N LYS A 210 13.40 -9.32 -30.43
CA LYS A 210 14.38 -10.08 -29.61
C LYS A 210 15.43 -10.69 -30.54
N SER A 211 14.98 -11.45 -31.56
CA SER A 211 15.80 -12.33 -32.44
C SER A 211 16.69 -11.51 -33.39
N GLY A 212 16.12 -10.54 -34.12
CA GLY A 212 16.88 -9.66 -35.03
C GLY A 212 16.25 -9.51 -36.40
N GLN A 213 14.91 -9.44 -36.48
CA GLN A 213 14.14 -9.20 -37.73
C GLN A 213 13.44 -7.84 -37.65
N LEU A 214 13.55 -7.06 -38.73
CA LEU A 214 12.96 -5.70 -38.87
C LEU A 214 11.44 -5.81 -38.73
N ASP A 215 10.92 -5.63 -37.51
CA ASP A 215 9.45 -5.68 -37.26
C ASP A 215 8.82 -4.36 -37.74
N LYS A 216 9.39 -3.18 -37.41
CA LYS A 216 8.83 -1.85 -37.85
C LYS A 216 9.90 -0.75 -37.90
N VAL A 217 9.81 0.07 -38.94
CA VAL A 217 10.52 1.37 -39.04
C VAL A 217 9.63 2.48 -38.47
N VAL A 218 10.24 3.39 -37.71
CA VAL A 218 9.55 4.50 -36.98
C VAL A 218 10.12 5.84 -37.41
N GLU A 219 9.34 6.63 -38.14
CA GLU A 219 9.71 7.98 -38.62
C GLU A 219 9.75 8.88 -37.38
N LEU A 220 10.80 9.68 -37.23
CA LEU A 220 11.02 10.66 -36.13
C LEU A 220 10.18 11.91 -36.39
N MET A 221 9.57 11.97 -37.57
CA MET A 221 8.68 13.09 -38.00
C MET A 221 7.99 12.61 -39.29
N THR A 222 6.96 13.30 -39.78
CA THR A 222 6.22 12.87 -40.99
C THR A 222 7.19 12.85 -42.18
N GLY A 223 7.21 11.75 -42.93
CA GLY A 223 8.10 11.60 -44.09
C GLY A 223 9.54 11.50 -43.67
N GLY A 224 9.79 11.24 -42.40
CA GLY A 224 11.18 11.05 -41.89
C GLY A 224 11.93 10.05 -42.74
N ALA A 225 11.23 9.02 -43.23
CA ALA A 225 11.88 7.92 -44.01
C ALA A 225 12.31 8.55 -45.34
N GLN A 226 11.51 9.50 -45.83
CA GLN A 226 11.67 10.22 -47.14
C GLN A 226 12.75 11.29 -47.03
N THR A 227 13.05 11.75 -45.81
CA THR A 227 14.00 12.85 -45.51
C THR A 227 15.38 12.25 -45.21
N PRO A 228 16.40 12.59 -46.01
CA PRO A 228 17.75 12.09 -45.74
C PRO A 228 18.52 12.96 -44.74
N VAL A 229 19.32 12.33 -43.87
CA VAL A 229 20.23 13.08 -42.98
C VAL A 229 21.32 13.75 -43.83
N THR A 230 21.25 15.07 -44.02
CA THR A 230 22.32 15.89 -44.64
C THR A 230 23.36 16.23 -43.57
N ASN A 231 24.40 17.01 -43.90
CA ASN A 231 25.35 17.59 -42.91
C ASN A 231 24.75 18.85 -42.29
N ALA A 232 23.68 19.37 -42.90
CA ALA A 232 23.04 20.66 -42.52
C ALA A 232 21.95 20.40 -41.48
N ASN A 233 21.30 19.22 -41.52
CA ASN A 233 20.24 18.83 -40.58
C ASN A 233 20.68 17.67 -39.68
N LYS A 234 21.95 17.32 -39.78
CA LYS A 234 22.60 16.31 -38.87
C LYS A 234 22.16 16.56 -37.43
N ILE A 235 22.20 17.81 -36.95
CA ILE A 235 21.98 18.07 -35.50
C ILE A 235 20.47 17.93 -35.21
N PHE A 236 19.59 18.49 -36.04
CA PHE A 236 18.12 18.35 -35.87
C PHE A 236 17.78 16.85 -35.75
N TYR A 237 18.48 16.00 -36.54
CA TYR A 237 18.32 14.53 -36.48
C TYR A 237 18.66 14.07 -35.06
N LEU A 238 19.91 14.27 -34.65
CA LEU A 238 20.45 13.80 -33.35
C LEU A 238 19.55 14.18 -32.19
N ASN A 239 19.00 15.39 -32.13
CA ASN A 239 18.11 15.81 -31.04
C ASN A 239 16.71 15.24 -31.18
N LEU A 240 16.18 15.16 -32.40
CA LEU A 240 14.91 14.42 -32.61
C LEU A 240 15.07 12.99 -32.07
N LEU A 241 16.30 12.47 -32.18
CA LEU A 241 16.67 11.11 -31.72
C LEU A 241 16.78 11.11 -30.20
N ALA A 242 17.44 12.13 -29.62
CA ALA A 242 17.46 12.36 -28.17
C ALA A 242 16.04 12.37 -27.59
N GLN A 243 15.09 13.14 -28.17
CA GLN A 243 13.66 13.20 -27.74
C GLN A 243 13.14 11.77 -27.71
N TYR A 244 13.38 11.01 -28.78
CA TYR A 244 12.73 9.69 -29.00
C TYR A 244 13.20 8.70 -27.92
N ARG A 245 14.53 8.56 -27.78
CA ARG A 245 15.15 7.49 -26.99
C ARG A 245 15.09 7.81 -25.49
N LEU A 246 15.27 9.07 -25.11
CA LEU A 246 15.49 9.45 -23.70
C LEU A 246 14.18 9.87 -23.02
N ALA A 247 13.18 10.36 -23.76
CA ALA A 247 11.98 11.03 -23.20
C ALA A 247 10.69 10.40 -23.72
N SER A 248 10.58 10.15 -25.04
CA SER A 248 9.33 9.77 -25.73
C SER A 248 8.83 8.46 -25.13
N GLN A 249 9.75 7.58 -24.75
CA GLN A 249 9.41 6.18 -24.39
C GLN A 249 9.05 6.08 -22.90
N VAL A 250 9.10 7.21 -22.19
CA VAL A 250 8.89 7.30 -20.71
C VAL A 250 8.00 8.49 -20.32
N LYS A 251 7.21 9.06 -21.23
CA LYS A 251 6.32 10.24 -20.91
C LYS A 251 5.53 9.94 -19.63
N GLU A 252 4.82 8.82 -19.58
CA GLU A 252 3.87 8.39 -18.50
C GLU A 252 4.54 8.27 -17.13
N GLU A 253 5.67 7.57 -17.08
CA GLU A 253 6.45 7.30 -15.85
C GLU A 253 6.94 8.64 -15.30
N VAL A 254 7.45 9.53 -16.16
CA VAL A 254 7.96 10.84 -15.67
C VAL A 254 6.80 11.71 -15.21
N GLU A 255 5.65 11.66 -15.91
CA GLU A 255 4.47 12.50 -15.60
C GLU A 255 4.05 12.18 -14.18
N HIS A 256 4.03 10.89 -13.82
CA HIS A 256 3.62 10.42 -12.49
C HIS A 256 4.69 10.75 -11.45
N PHE A 257 5.97 10.60 -11.84
CA PHE A 257 7.12 10.89 -10.96
C PHE A 257 6.99 12.34 -10.48
N LEU A 258 6.58 13.25 -11.36
CA LEU A 258 6.60 14.66 -10.93
C LEU A 258 5.21 15.08 -10.48
N LYS A 259 4.13 14.31 -10.72
CA LYS A 259 2.89 14.47 -9.93
C LYS A 259 3.26 14.40 -8.45
N GLY A 260 4.03 13.37 -8.08
CA GLY A 260 4.54 13.15 -6.72
C GLY A 260 5.50 14.24 -6.28
N LEU A 261 6.46 14.58 -7.12
CA LEU A 261 7.47 15.59 -6.76
C LEU A 261 6.75 16.92 -6.49
N ASN A 262 5.74 17.26 -7.30
CA ASN A 262 5.15 18.62 -7.34
C ASN A 262 4.16 18.81 -6.18
N GLU A 263 3.82 17.72 -5.46
CA GLU A 263 2.99 17.79 -4.24
C GLU A 263 3.74 18.52 -3.12
N LEU A 264 5.05 18.29 -2.98
CA LEU A 264 5.88 18.90 -1.90
C LEU A 264 6.71 20.05 -2.45
N VAL A 265 7.06 19.97 -3.73
CA VAL A 265 7.95 20.94 -4.43
C VAL A 265 7.26 21.38 -5.72
N PRO A 266 6.68 22.59 -5.73
CA PRO A 266 6.16 23.19 -6.96
C PRO A 266 7.22 23.31 -8.07
N GLU A 267 6.86 23.04 -9.32
CA GLU A 267 7.83 22.82 -10.44
C GLU A 267 8.57 24.13 -10.69
N ASN A 268 7.88 25.27 -10.61
CA ASN A 268 8.43 26.60 -10.94
C ASN A 268 9.66 26.89 -10.06
N LEU A 269 9.74 26.25 -8.90
CA LEU A 269 10.86 26.50 -7.94
C LEU A 269 12.14 25.94 -8.53
N LEU A 270 12.05 24.78 -9.17
CA LEU A 270 13.17 23.95 -9.69
C LEU A 270 13.70 24.51 -11.00
N ALA A 271 12.95 25.38 -11.69
CA ALA A 271 13.35 26.08 -12.93
C ALA A 271 14.69 26.79 -12.77
N ILE A 272 15.03 27.31 -11.59
CA ILE A 272 16.27 28.13 -11.43
C ILE A 272 17.47 27.21 -11.52
N PHE A 273 17.29 25.89 -11.62
CA PHE A 273 18.41 24.91 -11.71
C PHE A 273 18.57 24.36 -13.13
N ASP A 274 19.82 24.07 -13.49
CA ASP A 274 20.16 23.16 -14.62
C ASP A 274 20.37 21.77 -14.04
N GLU A 275 20.70 20.77 -14.87
CA GLU A 275 20.60 19.33 -14.51
C GLU A 275 21.67 19.00 -13.47
N ASN A 276 22.87 19.52 -13.65
CA ASN A 276 24.03 19.18 -12.78
C ASN A 276 23.86 19.86 -11.44
N GLU A 277 23.29 21.06 -11.40
CA GLU A 277 22.97 21.74 -10.12
C GLU A 277 21.88 20.92 -9.40
N LEU A 278 20.81 20.57 -10.10
CA LEU A 278 19.71 19.79 -9.49
C LEU A 278 20.29 18.51 -8.87
N GLU A 279 21.33 17.90 -9.48
CA GLU A 279 21.95 16.70 -8.90
C GLU A 279 22.60 17.08 -7.55
N LEU A 280 23.35 18.19 -7.53
CA LEU A 280 24.04 18.70 -6.31
C LEU A 280 23.02 19.08 -5.22
N LEU A 281 21.87 19.63 -5.59
CA LEU A 281 20.82 20.04 -4.63
C LEU A 281 20.16 18.79 -4.03
N MET A 282 19.98 17.72 -4.82
CA MET A 282 19.26 16.48 -4.41
C MET A 282 20.17 15.56 -3.59
N CYS A 283 21.43 15.41 -4.00
CA CYS A 283 22.32 14.31 -3.55
C CYS A 283 23.51 14.86 -2.75
N GLY A 284 23.65 16.17 -2.67
CA GLY A 284 24.70 16.85 -1.89
C GLY A 284 26.03 16.89 -2.63
N THR A 285 27.03 17.49 -2.00
CA THR A 285 28.42 17.62 -2.53
C THR A 285 29.18 16.32 -2.20
N GLY A 286 28.49 15.35 -1.58
CA GLY A 286 29.04 14.04 -1.16
C GLY A 286 30.35 14.22 -0.39
N ASP A 287 31.14 13.15 -0.31
CA ASP A 287 32.50 13.10 0.30
C ASP A 287 33.46 12.42 -0.70
N ILE A 288 34.30 13.21 -1.38
CA ILE A 288 35.21 12.76 -2.46
C ILE A 288 36.63 12.96 -1.96
N SER A 289 37.45 11.91 -2.07
CA SER A 289 38.71 11.70 -1.31
C SER A 289 39.91 11.92 -2.24
N VAL A 290 40.46 13.14 -2.18
CA VAL A 290 41.65 13.55 -2.99
C VAL A 290 42.69 12.42 -3.00
N SER A 291 42.86 11.67 -1.90
CA SER A 291 43.83 10.55 -1.77
C SER A 291 43.48 9.41 -2.74
N ASP A 292 42.19 9.07 -2.84
CA ASP A 292 41.64 8.05 -3.78
C ASP A 292 41.75 8.58 -5.21
N PHE A 293 41.48 9.87 -5.37
CA PHE A 293 41.57 10.60 -6.67
C PHE A 293 43.00 10.47 -7.21
N LYS A 294 43.98 11.06 -6.51
CA LYS A 294 45.43 10.94 -6.78
C LYS A 294 45.83 9.51 -7.15
N ALA A 295 45.31 8.48 -6.45
CA ALA A 295 45.74 7.07 -6.56
C ALA A 295 45.33 6.46 -7.91
N HIS A 296 44.09 6.68 -8.39
CA HIS A 296 43.47 5.95 -9.53
C HIS A 296 43.23 6.84 -10.75
N ALA A 297 43.63 8.12 -10.64
CA ALA A 297 43.67 9.07 -11.78
C ALA A 297 44.76 8.63 -12.76
N VAL A 298 44.70 9.16 -13.99
CA VAL A 298 45.65 8.82 -15.07
C VAL A 298 45.98 10.07 -15.88
N VAL A 299 47.21 10.24 -16.29
CA VAL A 299 47.68 11.42 -17.07
C VAL A 299 48.10 10.94 -18.43
N VAL A 300 47.88 11.73 -19.48
CA VAL A 300 48.14 11.34 -20.89
C VAL A 300 48.72 12.55 -21.64
N GLY A 301 49.90 12.36 -22.21
CA GLY A 301 50.56 13.34 -23.10
C GLY A 301 51.08 14.52 -22.33
N GLY A 302 51.54 15.55 -23.02
CA GLY A 302 52.09 16.78 -22.43
C GLY A 302 53.61 16.77 -22.28
N SER A 303 54.21 17.96 -22.40
CA SER A 303 55.64 18.30 -22.21
C SER A 303 56.13 17.91 -20.82
N TRP A 304 57.42 18.07 -20.54
CA TRP A 304 57.92 17.98 -19.15
C TRP A 304 57.29 19.11 -18.32
N HIS A 305 57.15 20.31 -18.88
CA HIS A 305 56.39 21.43 -18.25
C HIS A 305 55.03 20.93 -17.75
N PHE A 306 54.30 20.17 -18.56
CA PHE A 306 52.95 19.66 -18.19
C PHE A 306 53.11 18.57 -17.13
N ARG A 307 53.74 17.47 -17.51
CA ARG A 307 54.01 16.28 -16.65
C ARG A 307 54.54 16.70 -15.27
N GLU A 308 55.42 17.72 -15.17
CA GLU A 308 56.14 18.12 -13.93
C GLU A 308 55.58 19.40 -13.25
N LYS A 309 55.33 20.50 -13.95
CA LYS A 309 54.93 21.78 -13.31
C LYS A 309 53.39 21.85 -13.23
N VAL A 310 52.67 21.59 -14.32
CA VAL A 310 51.19 21.83 -14.38
C VAL A 310 50.48 20.79 -13.49
N MET A 311 50.87 19.52 -13.57
CA MET A 311 50.14 18.41 -12.89
C MET A 311 50.35 18.55 -11.38
N ARG A 312 51.41 19.19 -10.91
CA ARG A 312 51.61 19.37 -9.44
C ARG A 312 50.83 20.60 -9.00
N TRP A 313 50.76 21.67 -9.80
CA TRP A 313 49.81 22.78 -9.58
C TRP A 313 48.37 22.26 -9.48
N PHE A 314 47.98 21.36 -10.39
CA PHE A 314 46.67 20.67 -10.42
C PHE A 314 46.38 20.06 -9.05
N TRP A 315 47.16 19.06 -8.63
CA TRP A 315 46.93 18.27 -7.38
C TRP A 315 46.99 19.18 -6.15
N THR A 316 47.77 20.26 -6.22
CA THR A 316 47.80 21.28 -5.15
C THR A 316 46.43 21.97 -5.11
N VAL A 317 46.00 22.59 -6.22
CA VAL A 317 44.67 23.27 -6.35
C VAL A 317 43.58 22.31 -5.87
N VAL A 318 43.68 21.02 -6.23
CA VAL A 318 42.66 19.97 -5.93
C VAL A 318 42.49 19.86 -4.41
N SER A 319 43.60 19.73 -3.66
CA SER A 319 43.57 19.56 -2.19
C SER A 319 43.12 20.86 -1.50
N SER A 320 42.98 21.96 -2.27
CA SER A 320 42.57 23.31 -1.79
C SER A 320 41.16 23.68 -2.30
N LEU A 321 40.31 22.67 -2.60
CA LEU A 321 38.96 22.90 -3.20
C LEU A 321 37.91 22.52 -2.16
N THR A 322 36.81 23.30 -2.05
CA THR A 322 35.61 22.98 -1.22
C THR A 322 35.11 21.58 -1.64
N GLN A 323 34.48 20.86 -0.74
CA GLN A 323 33.78 19.58 -1.07
C GLN A 323 32.85 19.82 -2.29
N GLU A 324 32.38 21.06 -2.44
CA GLU A 324 31.38 21.51 -3.42
C GLU A 324 32.01 21.63 -4.81
N GLU A 325 33.25 22.13 -4.89
CA GLU A 325 33.98 22.36 -6.16
C GLU A 325 34.58 21.05 -6.63
N LEU A 326 35.03 20.20 -5.69
CA LEU A 326 35.57 18.84 -5.94
C LEU A 326 34.49 18.03 -6.64
N ALA A 327 33.23 18.21 -6.26
CA ALA A 327 32.06 17.53 -6.88
C ALA A 327 31.78 18.18 -8.22
N ARG A 328 31.88 19.50 -8.30
CA ARG A 328 31.65 20.23 -9.57
C ARG A 328 32.68 19.70 -10.58
N LEU A 329 33.91 19.45 -10.13
CA LEU A 329 34.99 18.93 -10.98
C LEU A 329 34.66 17.50 -11.39
N LEU A 330 34.37 16.62 -10.43
CA LEU A 330 34.08 15.19 -10.71
C LEU A 330 32.93 15.10 -11.75
N GLN A 331 31.95 16.00 -11.65
CA GLN A 331 30.73 16.02 -12.49
C GLN A 331 31.07 16.48 -13.91
N PHE A 332 31.95 17.47 -14.02
CA PHE A 332 32.37 18.14 -15.29
C PHE A 332 33.14 17.17 -16.18
N THR A 333 33.80 16.19 -15.59
CA THR A 333 34.73 15.25 -16.29
C THR A 333 34.16 13.84 -16.40
N THR A 334 33.33 13.35 -15.47
CA THR A 334 32.79 11.96 -15.48
C THR A 334 31.32 11.85 -15.86
N GLY A 335 30.53 12.88 -15.55
CA GLY A 335 29.09 12.98 -15.87
C GLY A 335 28.19 13.14 -14.65
N SER A 336 28.62 12.61 -13.49
CA SER A 336 27.92 12.68 -12.18
C SER A 336 28.87 13.29 -11.17
N SER A 337 28.32 14.01 -10.19
CA SER A 337 29.00 14.54 -8.98
C SER A 337 29.34 13.41 -8.01
N GLN A 338 28.81 12.21 -8.26
CA GLN A 338 28.88 11.05 -7.33
C GLN A 338 29.74 9.94 -7.95
N LEU A 339 30.61 9.35 -7.12
CA LEU A 339 31.47 8.20 -7.50
C LEU A 339 30.57 6.97 -7.56
N PRO A 340 30.91 5.94 -8.38
CA PRO A 340 30.16 4.69 -8.34
C PRO A 340 30.44 4.00 -7.01
N PRO A 341 29.70 2.89 -6.73
CA PRO A 341 30.05 1.95 -5.66
C PRO A 341 31.51 1.87 -5.20
N GLY A 342 32.43 1.50 -6.09
CA GLY A 342 33.85 1.20 -5.74
C GLY A 342 34.80 2.41 -5.76
N GLY A 343 34.31 3.64 -5.56
CA GLY A 343 35.19 4.84 -5.56
C GLY A 343 35.88 4.99 -6.90
N PHE A 344 37.01 5.72 -6.98
CA PHE A 344 37.64 6.12 -8.28
C PHE A 344 38.12 4.91 -9.08
N ALA A 345 38.33 3.80 -8.40
CA ALA A 345 38.81 2.57 -9.04
C ALA A 345 37.70 1.82 -9.73
N ALA A 346 36.52 2.39 -9.70
CA ALA A 346 35.37 1.76 -10.33
C ALA A 346 34.96 2.51 -11.56
N LEU A 347 35.53 3.67 -11.79
CA LEU A 347 35.16 4.47 -12.94
C LEU A 347 35.47 3.64 -14.15
N CYS A 348 34.44 3.44 -14.95
CA CYS A 348 34.37 2.69 -16.21
C CYS A 348 35.70 2.84 -16.89
N PRO A 349 35.98 4.03 -17.40
CA PRO A 349 37.29 4.39 -17.89
C PRO A 349 37.90 5.22 -16.78
N SER A 350 39.14 4.97 -16.46
CA SER A 350 39.77 5.64 -15.31
C SER A 350 39.77 7.16 -15.49
N PHE A 351 39.56 7.87 -14.41
CA PHE A 351 39.57 9.32 -14.48
C PHE A 351 40.89 9.74 -15.07
N GLN A 352 40.82 10.43 -16.18
CA GLN A 352 42.06 10.76 -16.87
C GLN A 352 42.18 12.26 -17.15
N ILE A 353 43.41 12.77 -17.01
CA ILE A 353 43.78 14.16 -17.44
C ILE A 353 44.65 14.09 -18.71
N ILE A 354 44.11 14.57 -19.82
CA ILE A 354 44.82 14.75 -21.12
C ILE A 354 45.32 16.18 -21.16
N ALA A 355 46.56 16.36 -21.59
CA ALA A 355 47.19 17.66 -21.88
C ALA A 355 46.63 18.22 -23.19
N ALA A 356 46.14 19.45 -23.16
CA ALA A 356 45.83 20.22 -24.38
C ALA A 356 47.08 21.02 -24.77
N PRO A 357 47.28 21.32 -26.06
CA PRO A 357 48.44 22.10 -26.52
C PRO A 357 48.29 23.60 -26.21
N THR A 358 47.12 24.02 -25.74
CA THR A 358 46.83 25.45 -25.49
C THR A 358 47.42 25.88 -24.15
N HIS A 359 47.67 27.18 -24.03
CA HIS A 359 47.92 27.92 -22.78
C HIS A 359 46.78 28.92 -22.60
N SER A 360 46.29 29.11 -21.38
CA SER A 360 45.27 30.13 -21.07
C SER A 360 44.00 29.96 -21.93
N THR A 361 43.50 28.72 -22.07
CA THR A 361 42.11 28.44 -22.53
C THR A 361 41.32 27.69 -21.43
N LEU A 362 40.01 27.81 -21.54
CA LEU A 362 39.03 27.17 -20.63
C LEU A 362 39.20 25.66 -20.73
N PRO A 363 39.35 24.95 -19.58
CA PRO A 363 39.47 23.49 -19.59
C PRO A 363 38.15 22.83 -20.03
N THR A 364 38.28 21.78 -20.85
CA THR A 364 37.19 21.04 -21.56
C THR A 364 37.19 19.59 -21.06
N ALA A 365 36.17 18.80 -21.42
CA ALA A 365 36.11 17.39 -21.04
C ALA A 365 35.35 16.53 -22.03
N HIS A 366 35.49 15.21 -21.87
CA HIS A 366 34.74 14.16 -22.60
C HIS A 366 34.26 13.11 -21.60
N THR A 367 33.01 13.24 -21.15
CA THR A 367 32.43 12.57 -19.98
C THR A 367 32.17 11.07 -20.22
N CYS A 368 32.10 10.70 -21.50
CA CYS A 368 32.01 9.32 -22.04
C CYS A 368 33.27 8.53 -21.67
N PHE A 369 34.37 9.24 -21.52
CA PHE A 369 35.69 8.62 -21.28
C PHE A 369 36.31 9.10 -20.01
N ASN A 370 35.58 9.86 -19.24
CA ASN A 370 36.00 10.45 -17.98
C ASN A 370 37.32 11.13 -18.18
N GLN A 371 37.34 12.05 -19.13
CA GLN A 371 38.56 12.72 -19.53
C GLN A 371 38.48 14.22 -19.30
N LEU A 372 39.47 14.76 -18.62
CA LEU A 372 39.58 16.22 -18.44
C LEU A 372 40.71 16.76 -19.33
N CYS A 373 40.41 17.67 -20.26
CA CYS A 373 41.35 18.24 -21.24
C CYS A 373 41.93 19.53 -20.66
N LEU A 374 43.05 19.41 -19.95
CA LEU A 374 43.70 20.44 -19.13
C LEU A 374 44.77 21.13 -19.96
N PRO A 375 44.53 22.38 -20.42
CA PRO A 375 45.56 23.10 -21.15
C PRO A 375 46.87 23.17 -20.36
N THR A 376 47.99 23.38 -21.05
CA THR A 376 49.32 23.60 -20.43
C THR A 376 49.37 25.05 -19.95
N TYR A 377 49.07 25.26 -18.67
CA TYR A 377 48.94 26.59 -18.03
C TYR A 377 50.33 27.07 -17.65
N ASP A 378 50.51 28.39 -17.52
CA ASP A 378 51.81 29.06 -17.32
C ASP A 378 52.00 29.37 -15.85
N SER A 379 50.95 29.56 -15.05
CA SER A 379 51.06 29.90 -13.61
C SER A 379 50.21 28.95 -12.74
N TYR A 380 50.63 28.72 -11.49
CA TYR A 380 49.78 28.10 -10.44
C TYR A 380 48.43 28.81 -10.36
N GLU A 381 48.39 30.15 -10.35
CA GLU A 381 47.15 30.91 -10.08
C GLU A 381 46.16 30.74 -11.25
N GLU A 382 46.64 30.37 -12.44
CA GLU A 382 45.80 30.17 -13.65
C GLU A 382 45.08 28.81 -13.57
N VAL A 383 45.76 27.81 -12.98
CA VAL A 383 45.21 26.45 -12.68
C VAL A 383 44.07 26.60 -11.65
N HIS A 384 44.34 27.36 -10.57
CA HIS A 384 43.38 27.66 -9.47
C HIS A 384 42.09 28.28 -10.04
N ARG A 385 42.21 29.32 -10.87
CA ARG A 385 41.06 30.08 -11.43
C ARG A 385 40.20 29.15 -12.30
N MET A 386 40.84 28.18 -12.95
CA MET A 386 40.24 27.38 -14.05
C MET A 386 39.57 26.11 -13.50
N LEU A 387 40.08 25.56 -12.39
CA LEU A 387 39.47 24.42 -11.65
C LEU A 387 38.34 24.90 -10.73
N GLN A 388 37.95 26.17 -10.79
CA GLN A 388 36.73 26.72 -10.16
C GLN A 388 35.61 26.84 -11.20
N LEU A 389 35.24 25.69 -11.78
CA LEU A 389 34.11 25.49 -12.73
C LEU A 389 32.83 26.04 -12.09
N GLY B 13 -21.72 -31.43 -16.08
CA GLY B 13 -21.92 -32.19 -17.35
C GLY B 13 -23.34 -32.10 -17.92
N SER B 14 -24.12 -31.09 -17.50
CA SER B 14 -25.45 -30.73 -18.06
C SER B 14 -25.22 -29.95 -19.36
N GLU B 15 -24.81 -28.68 -19.28
CA GLU B 15 -24.04 -28.00 -20.35
C GLU B 15 -22.88 -27.25 -19.69
N THR B 16 -21.62 -27.65 -20.00
CA THR B 16 -20.37 -27.11 -19.38
C THR B 16 -19.96 -25.80 -20.06
N PHE B 17 -19.16 -24.98 -19.38
CA PHE B 17 -18.56 -23.73 -19.94
C PHE B 17 -18.02 -24.01 -21.35
N GLN B 18 -17.13 -25.00 -21.45
CA GLN B 18 -16.40 -25.32 -22.71
C GLN B 18 -17.40 -25.53 -23.85
N ASP B 19 -18.47 -26.27 -23.58
CA ASP B 19 -19.55 -26.57 -24.56
C ASP B 19 -20.15 -25.27 -25.11
N LYS B 20 -20.48 -24.33 -24.21
CA LYS B 20 -21.05 -23.01 -24.55
C LYS B 20 -20.07 -22.29 -25.48
N VAL B 21 -18.76 -22.32 -25.15
CA VAL B 21 -17.73 -21.61 -25.94
C VAL B 21 -17.76 -22.16 -27.37
N ASN B 22 -17.68 -23.48 -27.51
CA ASN B 22 -17.64 -24.15 -28.84
C ASN B 22 -18.92 -23.83 -29.61
N PHE B 23 -20.09 -23.89 -28.96
CA PHE B 23 -21.38 -23.54 -29.59
C PHE B 23 -21.28 -22.09 -30.09
N PHE B 24 -20.88 -21.17 -29.20
CA PHE B 24 -20.78 -19.72 -29.48
C PHE B 24 -19.85 -19.50 -30.69
N GLN B 25 -18.66 -20.07 -30.62
CA GLN B 25 -17.60 -19.84 -31.65
C GLN B 25 -18.04 -20.45 -32.98
N ARG B 26 -18.68 -21.61 -32.97
CA ARG B 26 -19.23 -22.26 -34.19
C ARG B 26 -20.27 -21.32 -34.82
N GLU B 27 -21.34 -20.94 -34.08
CA GLU B 27 -22.43 -20.17 -34.77
C GLU B 27 -21.89 -18.80 -35.16
N LEU B 28 -20.74 -18.38 -34.61
CA LEU B 28 -20.20 -17.04 -34.88
C LEU B 28 -19.41 -17.08 -36.18
N ARG B 29 -18.60 -18.15 -36.39
CA ARG B 29 -17.89 -18.44 -37.68
C ARG B 29 -18.89 -18.46 -38.83
N GLN B 30 -20.01 -19.17 -38.66
CA GLN B 30 -21.11 -19.30 -39.64
C GLN B 30 -21.78 -17.97 -39.96
N VAL B 31 -22.19 -17.15 -38.99
CA VAL B 31 -22.91 -15.87 -39.27
C VAL B 31 -22.14 -15.10 -40.36
N HIS B 32 -20.81 -15.10 -40.35
CA HIS B 32 -19.98 -14.13 -41.11
C HIS B 32 -19.07 -14.84 -42.12
N MET B 33 -18.20 -15.77 -41.70
CA MET B 33 -17.23 -16.41 -42.64
C MET B 33 -17.95 -17.36 -43.62
N LYS B 34 -19.24 -17.65 -43.39
CA LYS B 34 -20.11 -18.48 -44.27
C LYS B 34 -21.19 -17.60 -44.91
N HIS B 37 -11.21 -14.53 -46.28
CA HIS B 37 -9.85 -14.00 -45.98
C HIS B 37 -9.57 -12.74 -46.83
N SER B 38 -10.35 -11.67 -46.57
CA SER B 38 -10.30 -10.35 -47.24
C SER B 38 -9.80 -9.28 -46.24
N LYS B 39 -9.55 -8.06 -46.72
CA LYS B 39 -8.74 -7.05 -46.01
C LYS B 39 -9.44 -5.68 -46.02
N VAL B 40 -9.21 -4.89 -44.98
CA VAL B 40 -9.69 -3.48 -44.87
C VAL B 40 -8.66 -2.73 -44.03
N THR B 41 -8.42 -1.46 -44.36
CA THR B 41 -7.30 -0.66 -43.79
C THR B 41 -7.88 0.29 -42.75
N LEU B 42 -7.13 0.51 -41.65
CA LEU B 42 -7.41 1.55 -40.63
C LEU B 42 -6.16 2.42 -40.52
N LYS B 43 -6.28 3.68 -40.94
CA LYS B 43 -5.18 4.65 -40.83
C LYS B 43 -5.39 5.32 -39.48
N VAL B 44 -4.71 4.86 -38.42
CA VAL B 44 -4.84 5.43 -37.06
C VAL B 44 -3.60 6.24 -36.71
N SER B 45 -3.70 7.01 -35.64
CA SER B 45 -2.64 7.91 -35.12
C SER B 45 -2.43 7.61 -33.63
N ARG B 46 -1.23 7.15 -33.26
CA ARG B 46 -0.86 6.87 -31.85
C ARG B 46 -1.21 8.09 -30.98
N HIS B 47 -0.84 9.29 -31.44
CA HIS B 47 -1.06 10.60 -30.74
C HIS B 47 -2.49 10.65 -30.18
N ALA B 48 -3.50 10.47 -31.03
CA ALA B 48 -4.94 10.55 -30.71
C ALA B 48 -5.69 9.28 -31.16
N LEU B 49 -5.52 8.16 -30.44
CA LEU B 49 -5.84 6.80 -30.95
C LEU B 49 -7.36 6.63 -31.07
N LEU B 50 -8.12 6.95 -30.03
CA LEU B 50 -9.58 6.71 -30.02
C LEU B 50 -10.19 7.53 -31.15
N GLU B 51 -9.84 8.82 -31.29
CA GLU B 51 -10.48 9.76 -32.24
C GLU B 51 -10.19 9.33 -33.68
N SER B 52 -8.95 8.92 -33.96
CA SER B 52 -8.48 8.45 -35.29
C SER B 52 -9.08 7.06 -35.59
N SER B 53 -9.26 6.23 -34.57
CA SER B 53 -9.81 4.84 -34.73
C SER B 53 -11.30 4.94 -35.03
N LEU B 54 -11.98 5.94 -34.47
CA LEU B 54 -13.41 6.19 -34.75
C LEU B 54 -13.55 6.58 -36.22
N LYS B 55 -12.74 7.55 -36.67
CA LYS B 55 -12.78 8.11 -38.04
C LYS B 55 -12.37 7.04 -39.04
N ALA B 56 -11.40 6.20 -38.67
CA ALA B 56 -10.92 5.07 -39.50
C ALA B 56 -12.09 4.15 -39.85
N THR B 57 -13.06 3.99 -38.94
CA THR B 57 -14.15 3.00 -39.05
C THR B 57 -15.52 3.69 -39.24
N ARG B 58 -15.55 5.02 -39.31
CA ARG B 58 -16.79 5.84 -39.38
C ARG B 58 -17.77 5.29 -40.42
N ASN B 59 -17.24 4.82 -41.56
CA ASN B 59 -18.02 4.50 -42.77
C ASN B 59 -17.84 3.00 -43.12
N PHE B 60 -17.43 2.18 -42.16
CA PHE B 60 -17.44 0.69 -42.25
C PHE B 60 -18.89 0.18 -42.37
N SER B 61 -19.01 -1.06 -42.83
CA SER B 61 -20.24 -1.89 -42.81
C SER B 61 -20.04 -2.97 -41.78
N ILE B 62 -21.03 -3.79 -41.53
CA ILE B 62 -20.87 -4.97 -40.64
C ILE B 62 -19.90 -5.95 -41.31
N SER B 63 -20.01 -6.04 -42.63
CA SER B 63 -19.15 -6.90 -43.49
C SER B 63 -17.69 -6.47 -43.31
N ASP B 64 -17.47 -5.15 -43.22
CA ASP B 64 -16.12 -4.57 -43.16
C ASP B 64 -15.51 -4.88 -41.79
N TRP B 65 -16.35 -4.87 -40.75
CA TRP B 65 -15.92 -5.16 -39.34
C TRP B 65 -15.50 -6.62 -39.22
N SER B 66 -15.81 -7.46 -40.19
CA SER B 66 -15.50 -8.91 -40.17
C SER B 66 -14.29 -9.22 -41.03
N LYS B 67 -13.87 -8.27 -41.86
CA LYS B 67 -12.64 -8.41 -42.70
C LYS B 67 -11.43 -8.25 -41.77
N ASN B 68 -10.31 -8.85 -42.09
CA ASN B 68 -9.04 -8.64 -41.35
C ASN B 68 -8.63 -7.17 -41.36
N PHE B 69 -8.17 -6.69 -40.20
CA PHE B 69 -7.75 -5.28 -40.00
C PHE B 69 -6.28 -5.13 -40.39
N GLU B 70 -6.01 -4.28 -41.38
CA GLU B 70 -4.64 -3.78 -41.65
C GLU B 70 -4.51 -2.41 -40.96
N VAL B 71 -3.84 -2.38 -39.81
CA VAL B 71 -3.67 -1.14 -38.99
C VAL B 71 -2.33 -0.47 -39.39
N VAL B 72 -2.42 0.82 -39.71
CA VAL B 72 -1.30 1.67 -40.18
C VAL B 72 -1.20 2.85 -39.21
N PHE B 73 -0.44 2.64 -38.14
CA PHE B 73 -0.02 3.70 -37.20
C PHE B 73 0.73 4.80 -37.97
N GLN B 74 0.55 6.08 -37.63
CA GLN B 74 1.15 7.17 -38.43
C GLN B 74 2.65 7.16 -38.15
N ASP B 75 3.47 7.43 -39.17
CA ASP B 75 4.94 7.55 -39.04
C ASP B 75 5.55 6.21 -38.64
N GLU B 76 4.90 5.09 -39.01
CA GLU B 76 5.47 3.72 -38.96
C GLU B 76 5.13 2.96 -40.24
N GLU B 77 6.13 2.30 -40.83
CA GLU B 77 5.99 1.15 -41.74
C GLU B 77 6.35 -0.11 -40.94
N ALA B 78 5.51 -1.15 -40.98
CA ALA B 78 5.83 -2.48 -40.42
C ALA B 78 5.93 -3.48 -41.56
N LEU B 79 6.79 -4.50 -41.42
CA LEU B 79 7.07 -5.48 -42.49
C LEU B 79 5.95 -6.51 -42.57
N ASP B 80 5.27 -6.81 -41.45
CA ASP B 80 4.10 -7.72 -41.40
C ASP B 80 2.88 -6.93 -40.89
N TRP B 81 1.67 -7.35 -41.32
CA TRP B 81 0.37 -6.68 -41.05
C TRP B 81 -0.16 -6.97 -39.63
N GLY B 82 0.44 -7.97 -38.95
CA GLY B 82 -0.04 -8.52 -37.67
C GLY B 82 0.54 -7.81 -36.46
N GLY B 83 1.82 -7.38 -36.49
CA GLY B 83 2.44 -6.64 -35.37
C GLY B 83 1.57 -5.44 -34.94
N PRO B 84 1.23 -4.53 -35.88
CA PRO B 84 0.21 -3.49 -35.66
C PRO B 84 -1.11 -3.97 -35.04
N ARG B 85 -1.78 -4.95 -35.68
CA ARG B 85 -3.08 -5.54 -35.24
C ARG B 85 -3.05 -5.70 -33.71
N ARG B 86 -2.18 -6.54 -33.14
CA ARG B 86 -2.18 -6.84 -31.68
C ARG B 86 -2.00 -5.52 -30.94
N GLU B 87 -1.07 -4.69 -31.39
CA GLU B 87 -0.79 -3.41 -30.74
C GLU B 87 -2.06 -2.53 -30.72
N TRP B 88 -2.77 -2.42 -31.83
CA TRP B 88 -4.03 -1.64 -31.92
C TRP B 88 -5.02 -2.17 -30.87
N PHE B 89 -5.37 -3.46 -30.92
CA PHE B 89 -6.35 -4.09 -29.99
C PHE B 89 -5.96 -3.89 -28.53
N GLU B 90 -4.67 -4.08 -28.21
CA GLU B 90 -4.08 -3.80 -26.87
C GLU B 90 -4.49 -2.39 -26.45
N LEU B 91 -4.17 -1.41 -27.28
CA LEU B 91 -4.21 0.03 -26.94
C LEU B 91 -5.66 0.49 -26.98
N ILE B 92 -6.43 0.06 -27.97
CA ILE B 92 -7.84 0.54 -28.09
C ILE B 92 -8.61 0.04 -26.89
N CYS B 93 -8.32 -1.16 -26.39
CA CYS B 93 -9.03 -1.73 -25.21
C CYS B 93 -8.73 -0.82 -24.02
N LYS B 94 -7.46 -0.57 -23.76
CA LYS B 94 -6.97 0.43 -22.76
C LYS B 94 -7.69 1.75 -22.98
N ALA B 95 -7.68 2.28 -24.18
CA ALA B 95 -8.27 3.58 -24.46
C ALA B 95 -9.72 3.64 -24.05
N LEU B 96 -10.43 2.57 -24.23
CA LEU B 96 -11.87 2.62 -23.95
C LEU B 96 -12.14 2.21 -22.52
N PHE B 97 -11.58 1.11 -22.08
CA PHE B 97 -11.97 0.63 -20.75
C PHE B 97 -10.87 0.83 -19.69
N ASP B 98 -10.26 2.00 -19.61
CA ASP B 98 -9.20 2.18 -18.58
C ASP B 98 -9.36 3.53 -17.92
N THR B 99 -10.61 3.93 -17.71
CA THR B 99 -10.94 5.14 -16.97
C THR B 99 -10.24 6.41 -17.46
N THR B 100 -9.07 6.31 -18.02
CA THR B 100 -8.35 7.54 -18.28
C THR B 100 -9.17 8.65 -18.94
N ASN B 101 -10.03 8.34 -19.88
CA ASN B 101 -10.82 9.39 -20.54
C ASN B 101 -12.22 9.42 -19.96
N GLN B 102 -12.39 8.82 -18.80
CA GLN B 102 -13.70 8.76 -18.13
C GLN B 102 -14.76 8.24 -19.07
N LEU B 103 -14.42 7.36 -19.99
CA LEU B 103 -15.47 6.80 -20.83
C LEU B 103 -16.13 5.80 -19.91
N PHE B 104 -15.29 5.01 -19.28
CA PHE B 104 -15.69 4.05 -18.27
C PHE B 104 -15.09 4.54 -16.97
N THR B 105 -15.72 4.27 -15.84
CA THR B 105 -15.24 4.77 -14.56
C THR B 105 -15.52 3.74 -13.47
N ARG B 106 -15.05 3.99 -12.25
CA ARG B 106 -15.28 3.06 -11.12
C ARG B 106 -16.01 3.74 -9.95
N PHE B 107 -16.60 2.95 -9.09
CA PHE B 107 -17.44 3.48 -7.98
C PHE B 107 -16.61 3.86 -6.75
N SER B 108 -15.57 3.10 -6.43
CA SER B 108 -14.55 3.49 -5.42
C SER B 108 -13.50 4.21 -6.24
N ASP B 109 -12.57 4.88 -5.58
CA ASP B 109 -11.46 5.65 -6.22
C ASP B 109 -10.16 4.83 -6.13
N ASN B 110 -10.06 3.77 -6.92
CA ASN B 110 -9.09 2.66 -6.70
C ASN B 110 -8.64 2.07 -8.02
N ASN B 111 -7.37 2.22 -8.38
CA ASN B 111 -6.95 1.74 -9.72
C ASN B 111 -7.08 0.22 -9.75
N GLN B 112 -7.72 -0.38 -8.75
CA GLN B 112 -7.77 -1.85 -8.70
C GLN B 112 -9.21 -2.34 -8.74
N ALA B 113 -10.16 -1.49 -9.02
CA ALA B 113 -11.56 -1.91 -8.96
C ALA B 113 -12.09 -2.04 -10.38
N LEU B 114 -13.24 -2.64 -10.53
CA LEU B 114 -13.80 -2.90 -11.87
C LEU B 114 -14.39 -1.67 -12.55
N VAL B 115 -14.47 -1.68 -13.86
CA VAL B 115 -14.95 -0.52 -14.65
C VAL B 115 -16.39 -0.72 -15.13
N HIS B 116 -17.01 0.40 -15.47
CA HIS B 116 -18.45 0.47 -15.77
C HIS B 116 -18.70 1.67 -16.67
N PRO B 117 -19.76 1.74 -17.49
CA PRO B 117 -20.02 2.94 -18.28
C PRO B 117 -20.24 4.13 -17.34
N ASN B 118 -19.74 5.30 -17.71
CA ASN B 118 -19.73 6.52 -16.85
C ASN B 118 -21.16 7.02 -16.70
N PRO B 119 -21.72 7.00 -15.46
CA PRO B 119 -23.07 7.51 -15.23
C PRO B 119 -23.27 8.96 -15.67
N ASN B 120 -22.29 9.82 -15.36
CA ASN B 120 -22.27 11.27 -15.67
C ASN B 120 -21.01 11.60 -16.49
N ARG B 121 -21.04 11.30 -17.78
CA ARG B 121 -19.86 11.55 -18.67
C ARG B 121 -19.77 13.02 -19.08
N PRO B 122 -18.51 13.53 -19.22
CA PRO B 122 -18.27 14.77 -19.96
C PRO B 122 -19.04 14.70 -21.28
N ALA B 123 -19.71 15.79 -21.66
CA ALA B 123 -20.47 15.90 -22.93
C ALA B 123 -19.52 15.66 -24.10
N HIS B 124 -18.23 15.97 -23.93
CA HIS B 124 -17.18 15.89 -24.97
C HIS B 124 -16.92 14.43 -25.42
N LEU B 125 -17.58 13.46 -24.77
CA LEU B 125 -17.65 12.03 -25.18
C LEU B 125 -19.04 11.75 -25.75
N ARG B 126 -19.17 11.66 -27.07
CA ARG B 126 -20.42 11.27 -27.77
C ARG B 126 -20.79 9.83 -27.41
N LEU B 127 -22.08 9.47 -27.58
CA LEU B 127 -22.60 8.09 -27.43
C LEU B 127 -21.93 7.15 -28.47
N LYS B 128 -21.65 7.65 -29.68
CA LYS B 128 -21.07 6.82 -30.78
C LYS B 128 -19.85 6.09 -30.22
N MET B 129 -19.13 6.66 -29.25
CA MET B 129 -17.95 5.99 -28.66
C MET B 129 -18.34 4.67 -27.99
N TYR B 130 -19.49 4.61 -27.30
CA TYR B 130 -19.99 3.37 -26.66
C TYR B 130 -20.37 2.33 -27.72
N GLU B 131 -21.06 2.73 -28.79
CA GLU B 131 -21.31 1.87 -29.98
C GLU B 131 -20.00 1.27 -30.48
N PHE B 132 -18.98 2.10 -30.65
CA PHE B 132 -17.66 1.67 -31.16
C PHE B 132 -17.11 0.60 -30.18
N ALA B 133 -17.22 0.86 -28.87
CA ALA B 133 -16.75 -0.06 -27.84
C ALA B 133 -17.41 -1.42 -28.06
N GLY B 134 -18.72 -1.43 -28.33
CA GLY B 134 -19.51 -2.66 -28.52
C GLY B 134 -19.06 -3.41 -29.77
N ARG B 135 -18.78 -2.66 -30.84
CA ARG B 135 -18.26 -3.22 -32.09
C ARG B 135 -16.89 -3.84 -31.84
N LEU B 136 -16.07 -3.17 -31.03
CA LEU B 136 -14.70 -3.61 -30.72
C LEU B 136 -14.77 -4.91 -29.91
N VAL B 137 -15.55 -4.91 -28.83
CA VAL B 137 -15.76 -6.14 -28.01
C VAL B 137 -16.36 -7.22 -28.90
N GLY B 138 -17.29 -6.86 -29.79
CA GLY B 138 -17.85 -7.79 -30.79
C GLY B 138 -16.76 -8.41 -31.64
N LYS B 139 -15.92 -7.57 -32.23
CA LYS B 139 -14.80 -7.98 -33.10
C LYS B 139 -13.86 -8.94 -32.34
N CYS B 140 -13.46 -8.62 -31.11
CA CYS B 140 -12.59 -9.51 -30.31
C CYS B 140 -13.22 -10.91 -30.19
N LEU B 141 -14.49 -10.99 -29.81
CA LEU B 141 -15.23 -12.28 -29.65
C LEU B 141 -15.21 -13.04 -30.99
N TYR B 142 -15.42 -12.31 -32.09
CA TYR B 142 -15.52 -12.89 -33.45
C TYR B 142 -14.16 -13.42 -33.92
N GLU B 143 -13.12 -12.58 -33.95
CA GLU B 143 -11.75 -13.03 -34.33
C GLU B 143 -11.34 -14.18 -33.40
N SER B 144 -11.63 -14.07 -32.10
CA SER B 144 -11.33 -15.13 -31.11
C SER B 144 -11.93 -16.45 -31.60
N SER B 145 -13.06 -16.38 -32.31
CA SER B 145 -13.85 -17.56 -32.72
C SER B 145 -13.25 -18.27 -33.94
N LEU B 146 -12.37 -17.62 -34.71
CA LEU B 146 -11.86 -18.14 -36.00
C LEU B 146 -10.68 -19.10 -35.76
N GLY B 147 -9.91 -18.91 -34.70
CA GLY B 147 -8.86 -19.86 -34.30
C GLY B 147 -7.83 -19.17 -33.42
N GLY B 148 -6.94 -19.94 -32.80
CA GLY B 148 -5.85 -19.42 -31.94
C GLY B 148 -5.12 -18.25 -32.59
N ALA B 149 -4.81 -18.40 -33.88
CA ALA B 149 -4.01 -17.45 -34.67
C ALA B 149 -4.59 -16.04 -34.59
N TYR B 150 -5.91 -15.90 -34.64
CA TYR B 150 -6.67 -14.62 -34.79
C TYR B 150 -7.15 -14.08 -33.44
N LYS B 151 -7.08 -14.90 -32.40
CA LYS B 151 -7.54 -14.61 -31.03
C LYS B 151 -7.19 -13.17 -30.60
N GLN B 152 -8.22 -12.42 -30.16
CA GLN B 152 -8.07 -11.12 -29.47
C GLN B 152 -8.90 -11.16 -28.20
N LEU B 153 -8.25 -11.08 -27.04
CA LEU B 153 -8.97 -10.96 -25.77
C LEU B 153 -9.25 -9.47 -25.53
N VAL B 154 -10.39 -9.17 -24.92
CA VAL B 154 -10.74 -7.80 -24.43
C VAL B 154 -9.89 -7.54 -23.17
N ARG B 155 -9.15 -6.41 -23.16
CA ARG B 155 -8.28 -5.99 -22.04
C ARG B 155 -9.12 -5.05 -21.17
N ALA B 156 -9.86 -5.62 -20.22
CA ALA B 156 -10.84 -4.90 -19.38
C ALA B 156 -11.27 -5.80 -18.22
N ARG B 157 -11.48 -5.20 -17.06
CA ARG B 157 -12.12 -5.88 -15.90
C ARG B 157 -13.44 -5.16 -15.67
N PHE B 158 -14.48 -5.61 -16.36
CA PHE B 158 -15.86 -5.04 -16.26
C PHE B 158 -16.48 -5.36 -14.91
N THR B 159 -17.33 -4.47 -14.40
CA THR B 159 -18.28 -4.79 -13.30
C THR B 159 -19.11 -6.02 -13.71
N ARG B 160 -19.60 -6.79 -12.75
CA ARG B 160 -20.56 -7.87 -13.02
C ARG B 160 -21.87 -7.24 -13.51
N SER B 161 -22.32 -6.14 -12.91
CA SER B 161 -23.57 -5.45 -13.34
C SER B 161 -23.54 -5.18 -14.87
N PHE B 162 -22.39 -4.81 -15.42
CA PHE B 162 -22.27 -4.45 -16.85
C PHE B 162 -22.34 -5.75 -17.67
N LEU B 163 -21.62 -6.78 -17.24
CA LEU B 163 -21.61 -8.10 -17.94
C LEU B 163 -23.03 -8.63 -17.97
N ALA B 164 -23.72 -8.50 -16.86
CA ALA B 164 -25.14 -8.90 -16.69
C ALA B 164 -26.06 -8.07 -17.59
N GLN B 165 -25.77 -6.78 -17.83
CA GLN B 165 -26.61 -5.94 -18.71
C GLN B 165 -26.44 -6.40 -20.16
N ILE B 166 -25.22 -6.77 -20.53
CA ILE B 166 -24.90 -7.41 -21.85
C ILE B 166 -25.80 -8.62 -22.05
N ILE B 167 -25.84 -9.56 -21.10
CA ILE B 167 -26.65 -10.82 -21.16
C ILE B 167 -28.16 -10.49 -21.14
N GLY B 168 -28.57 -9.45 -20.42
CA GLY B 168 -29.96 -8.95 -20.37
C GLY B 168 -30.65 -9.17 -19.03
N LEU B 169 -29.89 -9.38 -17.96
CA LEU B 169 -30.37 -9.68 -16.57
C LEU B 169 -30.80 -8.40 -15.83
N ARG B 170 -31.79 -8.53 -14.95
CA ARG B 170 -32.13 -7.49 -13.93
C ARG B 170 -30.98 -7.36 -12.92
N MET B 171 -30.83 -6.15 -12.42
CA MET B 171 -29.80 -5.81 -11.39
C MET B 171 -30.23 -6.34 -10.03
N HIS B 172 -29.29 -6.84 -9.24
CA HIS B 172 -29.53 -7.35 -7.87
C HIS B 172 -28.40 -6.80 -7.00
N TYR B 173 -28.68 -6.58 -5.72
CA TYR B 173 -27.76 -5.90 -4.78
C TYR B 173 -26.50 -6.74 -4.62
N LYS B 174 -26.59 -8.05 -4.84
CA LYS B 174 -25.42 -8.95 -4.75
C LYS B 174 -24.29 -8.33 -5.60
N TYR B 175 -24.64 -7.64 -6.70
CA TYR B 175 -23.65 -7.07 -7.66
C TYR B 175 -22.75 -6.05 -6.96
N PHE B 176 -23.24 -5.40 -5.91
CA PHE B 176 -22.45 -4.36 -5.19
C PHE B 176 -21.18 -4.97 -4.58
N GLU B 177 -21.21 -6.25 -4.20
CA GLU B 177 -20.09 -6.93 -3.49
C GLU B 177 -18.80 -6.83 -4.33
N THR B 178 -18.94 -6.72 -5.66
CA THR B 178 -17.84 -6.88 -6.66
C THR B 178 -17.58 -5.53 -7.33
N ASP B 179 -18.59 -4.67 -7.38
CA ASP B 179 -18.65 -3.53 -8.33
C ASP B 179 -18.50 -2.21 -7.58
N ASP B 180 -18.97 -2.13 -6.34
CA ASP B 180 -18.91 -0.93 -5.48
C ASP B 180 -18.73 -1.35 -4.03
N PRO B 181 -17.57 -1.96 -3.66
CA PRO B 181 -17.46 -2.69 -2.39
C PRO B 181 -17.49 -1.74 -1.18
N GLU B 182 -17.02 -0.50 -1.33
CA GLU B 182 -17.20 0.58 -0.32
C GLU B 182 -18.68 0.73 0.01
N PHE B 183 -19.53 0.78 -1.02
CA PHE B 183 -20.98 0.94 -0.85
C PHE B 183 -21.60 -0.33 -0.23
N TYR B 184 -21.05 -1.52 -0.50
CA TYR B 184 -21.62 -2.77 0.04
C TYR B 184 -21.29 -2.82 1.53
N LYS B 185 -20.00 -2.70 1.85
CA LYS B 185 -19.52 -2.77 3.25
C LYS B 185 -20.22 -1.66 4.05
N SER B 186 -20.32 -0.44 3.51
CA SER B 186 -20.87 0.71 4.27
C SER B 186 -22.38 0.63 4.39
N LYS B 187 -23.15 0.69 3.30
CA LYS B 187 -24.62 0.89 3.37
C LYS B 187 -25.38 -0.44 3.23
N VAL B 188 -25.08 -1.25 2.23
CA VAL B 188 -25.93 -2.42 1.88
C VAL B 188 -25.91 -3.38 3.08
N CYS B 189 -24.71 -3.78 3.52
CA CYS B 189 -24.47 -4.66 4.67
C CYS B 189 -25.23 -4.13 5.90
N PHE B 190 -24.98 -2.87 6.27
CA PHE B 190 -25.76 -2.17 7.33
C PHE B 190 -27.26 -2.47 7.21
N ILE B 191 -27.89 -2.14 6.09
CA ILE B 191 -29.35 -2.39 5.86
C ILE B 191 -29.67 -3.89 5.98
N LEU B 192 -28.87 -4.78 5.46
CA LEU B 192 -29.13 -6.23 5.52
C LEU B 192 -29.05 -6.71 6.96
N ASN B 193 -28.29 -6.02 7.82
CA ASN B 193 -27.82 -6.55 9.12
C ASN B 193 -28.48 -5.81 10.29
N ASN B 194 -29.38 -4.89 10.03
CA ASN B 194 -29.93 -4.02 11.08
C ASN B 194 -31.45 -3.94 10.97
N ASP B 195 -32.10 -3.53 12.07
CA ASP B 195 -33.56 -3.29 12.16
C ASP B 195 -33.82 -1.94 11.50
N MET B 196 -34.67 -1.89 10.46
CA MET B 196 -34.95 -0.67 9.69
C MET B 196 -36.06 0.11 10.41
N SER B 197 -36.58 -0.46 11.49
CA SER B 197 -37.73 0.12 12.22
C SER B 197 -37.33 1.40 12.92
N GLU B 198 -36.03 1.59 13.21
CA GLU B 198 -35.54 2.75 13.98
C GLU B 198 -34.62 3.66 13.14
N MET B 199 -34.90 3.84 11.86
CA MET B 199 -33.86 4.32 10.89
C MET B 199 -34.32 5.52 10.06
N GLU B 200 -35.58 5.54 9.64
CA GLU B 200 -36.15 6.62 8.81
C GLU B 200 -35.39 6.75 7.48
N LEU B 201 -35.24 5.64 6.76
CA LEU B 201 -34.78 5.63 5.35
C LEU B 201 -36.00 5.74 4.42
N VAL B 202 -35.83 6.02 3.13
CA VAL B 202 -36.98 6.02 2.16
C VAL B 202 -36.55 5.59 0.76
N PHE B 203 -37.50 5.29 -0.13
CA PHE B 203 -37.21 4.78 -1.50
C PHE B 203 -36.87 5.93 -2.44
N ALA B 204 -36.02 6.87 -2.00
CA ALA B 204 -35.43 7.87 -2.91
C ALA B 204 -33.91 7.91 -2.67
N GLU B 205 -33.20 8.55 -3.60
CA GLU B 205 -31.76 8.82 -3.45
C GLU B 205 -31.56 10.32 -3.67
N GLU B 206 -30.64 10.89 -2.93
CA GLU B 206 -30.37 12.33 -3.01
C GLU B 206 -29.12 12.50 -3.85
N LYS B 207 -29.10 13.56 -4.65
CA LYS B 207 -27.95 13.78 -5.53
C LYS B 207 -27.23 15.05 -5.09
N TYR B 208 -25.94 14.95 -4.84
CA TYR B 208 -25.13 16.08 -4.38
C TYR B 208 -24.14 16.48 -5.48
N ASN B 209 -23.32 17.46 -5.13
CA ASN B 209 -22.22 18.00 -5.98
C ASN B 209 -20.88 17.38 -5.57
N LYS B 210 -19.81 18.20 -5.47
CA LYS B 210 -18.47 17.77 -5.01
C LYS B 210 -18.42 17.82 -3.47
N SER B 211 -19.46 18.41 -2.87
CA SER B 211 -19.71 18.60 -1.41
C SER B 211 -21.05 19.31 -1.28
N GLY B 212 -21.31 20.30 -2.15
CA GLY B 212 -22.57 21.03 -2.21
C GLY B 212 -23.72 20.08 -2.32
N GLN B 213 -24.78 20.32 -1.59
CA GLN B 213 -25.89 19.33 -1.49
C GLN B 213 -26.87 19.38 -2.67
N LEU B 214 -28.07 18.90 -2.37
CA LEU B 214 -29.25 18.69 -3.26
C LEU B 214 -29.18 19.29 -4.66
N ASP B 215 -28.81 18.47 -5.63
CA ASP B 215 -28.90 18.87 -7.04
C ASP B 215 -30.34 18.55 -7.39
N LYS B 216 -30.79 17.35 -6.96
CA LYS B 216 -32.17 16.86 -7.13
C LYS B 216 -32.37 15.62 -6.24
N VAL B 217 -33.61 15.21 -6.07
CA VAL B 217 -33.97 13.98 -5.30
C VAL B 217 -34.61 13.07 -6.33
N VAL B 218 -34.21 11.80 -6.35
CA VAL B 218 -34.68 10.82 -7.38
C VAL B 218 -35.37 9.64 -6.67
N GLU B 219 -36.65 9.47 -6.95
CA GLU B 219 -37.48 8.38 -6.41
C GLU B 219 -37.18 7.09 -7.20
N LEU B 220 -36.81 6.01 -6.48
CA LEU B 220 -36.51 4.66 -7.04
C LEU B 220 -37.78 4.05 -7.63
N MET B 221 -38.94 4.61 -7.30
CA MET B 221 -40.26 4.31 -7.84
C MET B 221 -41.17 5.50 -7.57
N THR B 222 -42.36 5.56 -8.16
CA THR B 222 -43.29 6.70 -7.93
C THR B 222 -43.69 6.74 -6.45
N GLY B 223 -43.57 7.94 -5.88
CA GLY B 223 -43.83 8.25 -4.46
C GLY B 223 -42.81 7.55 -3.56
N GLY B 224 -41.69 7.12 -4.12
CA GLY B 224 -40.61 6.52 -3.33
C GLY B 224 -40.28 7.34 -2.10
N ALA B 225 -40.37 8.66 -2.19
CA ALA B 225 -39.93 9.61 -1.16
C ALA B 225 -40.76 9.42 0.11
N GLN B 226 -42.07 9.16 -0.08
CA GLN B 226 -43.13 8.98 0.94
C GLN B 226 -43.21 7.53 1.40
N THR B 227 -42.39 6.63 0.87
CA THR B 227 -42.36 5.20 1.27
C THR B 227 -41.21 4.95 2.24
N PRO B 228 -41.50 4.58 3.51
CA PRO B 228 -40.50 4.05 4.42
C PRO B 228 -39.77 2.84 3.85
N VAL B 229 -38.63 2.50 4.43
CA VAL B 229 -37.93 1.19 4.31
C VAL B 229 -38.26 0.41 5.58
N THR B 230 -39.04 -0.67 5.45
CA THR B 230 -39.37 -1.62 6.55
C THR B 230 -38.28 -2.70 6.58
N ASN B 231 -38.43 -3.69 7.46
CA ASN B 231 -37.59 -4.92 7.44
C ASN B 231 -38.13 -5.89 6.41
N ALA B 232 -39.35 -5.68 5.91
CA ALA B 232 -40.03 -6.60 4.98
C ALA B 232 -39.70 -6.20 3.55
N ASN B 233 -39.57 -4.89 3.33
CA ASN B 233 -39.28 -4.28 1.99
C ASN B 233 -37.80 -3.93 1.86
N LYS B 234 -37.01 -4.19 2.90
CA LYS B 234 -35.56 -3.97 2.90
C LYS B 234 -34.92 -4.44 1.57
N ILE B 235 -35.25 -5.64 1.13
CA ILE B 235 -34.57 -6.27 -0.03
C ILE B 235 -35.05 -5.59 -1.30
N PHE B 236 -36.35 -5.41 -1.46
CA PHE B 236 -36.95 -4.70 -2.64
C PHE B 236 -36.26 -3.34 -2.79
N TYR B 237 -35.98 -2.66 -1.68
CA TYR B 237 -35.25 -1.35 -1.65
C TYR B 237 -33.87 -1.54 -2.27
N LEU B 238 -33.05 -2.39 -1.65
CA LEU B 238 -31.64 -2.62 -2.07
C LEU B 238 -31.55 -2.93 -3.57
N ASN B 239 -32.45 -3.74 -4.15
CA ASN B 239 -32.37 -4.05 -5.60
C ASN B 239 -32.96 -2.93 -6.45
N LEU B 240 -34.01 -2.26 -6.00
CA LEU B 240 -34.47 -1.03 -6.70
C LEU B 240 -33.32 -0.03 -6.76
N LEU B 241 -32.44 -0.08 -5.75
CA LEU B 241 -31.24 0.78 -5.64
C LEU B 241 -30.17 0.26 -6.60
N ALA B 242 -29.96 -1.05 -6.64
CA ALA B 242 -29.09 -1.72 -7.66
C ALA B 242 -29.51 -1.26 -9.07
N GLN B 243 -30.81 -1.36 -9.43
CA GLN B 243 -31.34 -0.95 -10.77
C GLN B 243 -30.90 0.48 -11.01
N TYR B 244 -31.09 1.37 -10.04
CA TYR B 244 -30.90 2.82 -10.19
C TYR B 244 -29.44 3.15 -10.46
N ARG B 245 -28.54 2.64 -9.63
CA ARG B 245 -27.11 3.02 -9.60
C ARG B 245 -26.35 2.34 -10.73
N LEU B 246 -26.65 1.08 -11.01
CA LEU B 246 -25.83 0.23 -11.91
C LEU B 246 -26.33 0.33 -13.36
N ALA B 247 -27.63 0.50 -13.58
CA ALA B 247 -28.25 0.40 -14.92
C ALA B 247 -29.00 1.68 -15.34
N SER B 248 -29.89 2.18 -14.48
CA SER B 248 -30.88 3.24 -14.83
C SER B 248 -30.15 4.51 -15.21
N GLN B 249 -29.01 4.73 -14.57
CA GLN B 249 -28.24 6.00 -14.65
C GLN B 249 -27.34 6.01 -15.89
N VAL B 250 -27.32 4.91 -16.67
CA VAL B 250 -26.30 4.60 -17.72
C VAL B 250 -27.01 3.95 -18.94
N LYS B 251 -28.35 4.04 -19.05
CA LYS B 251 -29.26 3.21 -19.89
C LYS B 251 -28.93 3.45 -21.36
N GLU B 252 -28.81 4.72 -21.78
CA GLU B 252 -28.40 5.20 -23.13
C GLU B 252 -27.02 4.64 -23.52
N GLU B 253 -26.07 4.62 -22.58
CA GLU B 253 -24.66 4.23 -22.86
C GLU B 253 -24.65 2.73 -23.16
N VAL B 254 -25.41 1.95 -22.41
CA VAL B 254 -25.48 0.48 -22.52
C VAL B 254 -26.26 0.15 -23.79
N GLU B 255 -27.30 0.91 -24.11
CA GLU B 255 -28.16 0.66 -25.29
C GLU B 255 -27.27 0.71 -26.52
N HIS B 256 -26.40 1.70 -26.57
CA HIS B 256 -25.51 1.97 -27.73
C HIS B 256 -24.39 0.92 -27.72
N PHE B 257 -23.88 0.58 -26.54
CA PHE B 257 -22.79 -0.42 -26.41
C PHE B 257 -23.23 -1.73 -27.05
N LEU B 258 -24.50 -2.06 -26.85
CA LEU B 258 -25.07 -3.35 -27.33
C LEU B 258 -25.53 -3.27 -28.76
N LYS B 259 -25.93 -2.09 -29.21
CA LYS B 259 -26.19 -1.86 -30.66
C LYS B 259 -24.95 -2.38 -31.38
N GLY B 260 -23.78 -1.92 -30.93
CA GLY B 260 -22.47 -2.25 -31.55
C GLY B 260 -22.13 -3.70 -31.33
N LEU B 261 -22.34 -4.21 -30.12
CA LEU B 261 -22.01 -5.63 -29.82
C LEU B 261 -22.83 -6.51 -30.74
N ASN B 262 -24.11 -6.18 -30.91
CA ASN B 262 -25.12 -7.12 -31.48
C ASN B 262 -25.01 -7.13 -33.01
N GLU B 263 -24.22 -6.23 -33.60
CA GLU B 263 -23.90 -6.24 -35.04
C GLU B 263 -23.10 -7.50 -35.38
N LEU B 264 -22.12 -7.88 -34.55
CA LEU B 264 -21.25 -9.06 -34.86
C LEU B 264 -21.61 -10.26 -33.97
N VAL B 265 -22.26 -10.01 -32.83
CA VAL B 265 -22.66 -11.07 -31.86
C VAL B 265 -24.13 -10.84 -31.53
N PRO B 266 -25.02 -11.68 -32.09
CA PRO B 266 -26.43 -11.67 -31.68
C PRO B 266 -26.61 -11.95 -30.18
N GLU B 267 -27.57 -11.24 -29.58
CA GLU B 267 -27.96 -11.34 -28.14
C GLU B 267 -28.26 -12.79 -27.75
N ASN B 268 -28.93 -13.54 -28.62
CA ASN B 268 -29.40 -14.92 -28.36
C ASN B 268 -28.21 -15.83 -28.01
N LEU B 269 -27.01 -15.48 -28.48
CA LEU B 269 -25.80 -16.33 -28.34
C LEU B 269 -25.05 -15.97 -27.04
N LEU B 270 -25.14 -14.72 -26.59
CA LEU B 270 -24.49 -14.25 -25.35
C LEU B 270 -25.24 -14.79 -24.11
N ALA B 271 -26.55 -14.92 -24.28
CA ALA B 271 -27.55 -15.29 -23.23
C ALA B 271 -27.22 -16.67 -22.63
N ILE B 272 -26.56 -17.54 -23.39
CA ILE B 272 -26.27 -18.93 -22.93
C ILE B 272 -25.20 -18.88 -21.82
N PHE B 273 -24.59 -17.72 -21.61
CA PHE B 273 -23.51 -17.52 -20.60
C PHE B 273 -24.03 -16.78 -19.36
N ASP B 274 -23.49 -17.12 -18.18
CA ASP B 274 -23.66 -16.26 -16.98
C ASP B 274 -22.57 -15.17 -17.05
N GLU B 275 -22.51 -14.29 -16.06
CA GLU B 275 -21.66 -13.07 -16.13
C GLU B 275 -20.18 -13.47 -16.05
N ASN B 276 -19.87 -14.41 -15.15
CA ASN B 276 -18.47 -14.84 -14.89
C ASN B 276 -17.94 -15.62 -16.10
N GLU B 277 -18.79 -16.39 -16.75
CA GLU B 277 -18.42 -17.11 -17.98
C GLU B 277 -18.18 -16.07 -19.06
N LEU B 278 -19.12 -15.13 -19.26
CA LEU B 278 -18.96 -14.08 -20.30
C LEU B 278 -17.61 -13.39 -20.10
N GLU B 279 -17.16 -13.18 -18.87
CA GLU B 279 -15.83 -12.54 -18.61
C GLU B 279 -14.75 -13.44 -19.18
N LEU B 280 -14.80 -14.75 -18.88
CA LEU B 280 -13.80 -15.75 -19.35
C LEU B 280 -13.81 -15.84 -20.87
N LEU B 281 -14.98 -15.75 -21.52
CA LEU B 281 -15.10 -15.82 -22.99
C LEU B 281 -14.49 -14.57 -23.65
N MET B 282 -14.67 -13.40 -23.03
CA MET B 282 -14.23 -12.08 -23.58
C MET B 282 -12.75 -11.84 -23.32
N CYS B 283 -12.24 -12.19 -22.13
CA CYS B 283 -10.93 -11.71 -21.63
C CYS B 283 -9.93 -12.87 -21.46
N GLY B 284 -10.40 -14.10 -21.69
CA GLY B 284 -9.58 -15.34 -21.64
C GLY B 284 -9.32 -15.80 -20.21
N THR B 285 -8.45 -16.80 -20.06
CA THR B 285 -8.01 -17.35 -18.75
C THR B 285 -6.82 -16.52 -18.23
N GLY B 286 -6.47 -15.46 -18.96
CA GLY B 286 -5.37 -14.53 -18.67
C GLY B 286 -4.08 -15.29 -18.44
N ASP B 287 -3.11 -14.64 -17.81
CA ASP B 287 -1.89 -15.29 -17.26
C ASP B 287 -1.81 -14.94 -15.77
N ILE B 288 -1.95 -15.96 -14.92
CA ILE B 288 -1.88 -15.81 -13.43
C ILE B 288 -0.66 -16.61 -12.97
N SER B 289 0.19 -15.96 -12.16
CA SER B 289 1.57 -16.40 -11.79
C SER B 289 1.58 -17.02 -10.39
N VAL B 290 1.44 -18.34 -10.28
CA VAL B 290 1.45 -19.10 -9.00
C VAL B 290 2.53 -18.52 -8.09
N SER B 291 3.69 -18.14 -8.62
CA SER B 291 4.86 -17.61 -7.86
C SER B 291 4.48 -16.28 -7.19
N ASP B 292 3.81 -15.38 -7.93
CA ASP B 292 3.29 -14.07 -7.46
C ASP B 292 2.16 -14.32 -6.46
N PHE B 293 1.31 -15.30 -6.75
CA PHE B 293 0.15 -15.72 -5.92
C PHE B 293 0.69 -16.11 -4.55
N LYS B 294 1.63 -17.06 -4.50
CA LYS B 294 2.14 -17.66 -3.25
C LYS B 294 2.88 -16.56 -2.45
N ALA B 295 3.45 -15.56 -3.12
CA ALA B 295 4.24 -14.49 -2.47
C ALA B 295 3.35 -13.52 -1.68
N HIS B 296 2.21 -13.11 -2.23
CA HIS B 296 1.40 -11.95 -1.74
C HIS B 296 0.06 -12.40 -1.15
N ALA B 297 -0.24 -13.68 -1.24
CA ALA B 297 -1.39 -14.34 -0.58
C ALA B 297 -1.17 -14.32 0.93
N VAL B 298 -2.20 -14.57 1.72
CA VAL B 298 -2.17 -14.41 3.20
C VAL B 298 -3.06 -15.50 3.82
N VAL B 299 -2.54 -16.12 4.90
CA VAL B 299 -3.23 -17.23 5.58
C VAL B 299 -3.57 -16.74 6.98
N VAL B 300 -4.73 -17.14 7.50
CA VAL B 300 -5.28 -16.64 8.79
C VAL B 300 -5.89 -17.82 9.56
N GLY B 301 -5.43 -18.04 10.79
CA GLY B 301 -5.99 -19.04 11.72
C GLY B 301 -5.64 -20.44 11.30
N GLY B 302 -6.31 -21.43 11.93
CA GLY B 302 -6.13 -22.86 11.64
C GLY B 302 -5.09 -23.53 12.52
N SER B 303 -5.31 -24.83 12.76
CA SER B 303 -4.49 -25.75 13.60
C SER B 303 -3.11 -25.92 12.98
N TRP B 304 -2.25 -26.72 13.61
CA TRP B 304 -0.98 -27.18 13.00
C TRP B 304 -1.35 -27.95 11.72
N HIS B 305 -2.34 -28.85 11.80
CA HIS B 305 -2.80 -29.66 10.65
C HIS B 305 -3.06 -28.71 9.47
N PHE B 306 -3.74 -27.58 9.70
CA PHE B 306 -4.10 -26.62 8.63
C PHE B 306 -2.82 -25.91 8.18
N ARG B 307 -2.20 -25.13 9.10
CA ARG B 307 -1.17 -24.13 8.77
C ARG B 307 -0.02 -24.83 8.01
N GLU B 308 0.32 -26.08 8.36
CA GLU B 308 1.59 -26.76 7.95
C GLU B 308 1.32 -27.92 7.01
N LYS B 309 0.08 -28.41 6.85
CA LYS B 309 -0.21 -29.64 6.04
C LYS B 309 -1.22 -29.37 4.92
N VAL B 310 -2.42 -28.86 5.26
CA VAL B 310 -3.51 -28.47 4.30
C VAL B 310 -3.03 -27.33 3.40
N MET B 311 -2.39 -26.28 3.94
CA MET B 311 -1.90 -25.13 3.15
C MET B 311 -0.84 -25.57 2.14
N ARG B 312 -0.13 -26.67 2.43
CA ARG B 312 0.91 -27.23 1.52
C ARG B 312 0.22 -27.98 0.38
N TRP B 313 -0.77 -28.79 0.72
CA TRP B 313 -1.69 -29.47 -0.24
C TRP B 313 -2.30 -28.42 -1.18
N PHE B 314 -2.80 -27.31 -0.63
CA PHE B 314 -3.38 -26.17 -1.37
C PHE B 314 -2.40 -25.74 -2.47
N TRP B 315 -1.25 -25.16 -2.07
CA TRP B 315 -0.24 -24.55 -2.99
C TRP B 315 0.27 -25.58 -4.01
N THR B 316 0.29 -26.85 -3.63
CA THR B 316 0.62 -27.95 -4.57
C THR B 316 -0.51 -28.06 -5.61
N VAL B 317 -1.75 -28.28 -5.18
CA VAL B 317 -2.94 -28.35 -6.09
C VAL B 317 -2.96 -27.13 -7.01
N VAL B 318 -2.62 -25.94 -6.47
CA VAL B 318 -2.65 -24.63 -7.20
C VAL B 318 -1.69 -24.70 -8.38
N SER B 319 -0.45 -25.14 -8.15
CA SER B 319 0.61 -25.26 -9.18
C SER B 319 0.24 -26.33 -10.21
N SER B 320 -0.78 -27.15 -9.94
CA SER B 320 -1.26 -28.27 -10.79
C SER B 320 -2.61 -27.98 -11.46
N LEU B 321 -2.99 -26.70 -11.61
CA LEU B 321 -4.32 -26.27 -12.12
C LEU B 321 -4.13 -25.66 -13.52
N THR B 322 -5.07 -25.94 -14.44
CA THR B 322 -5.15 -25.33 -15.81
C THR B 322 -5.14 -23.80 -15.65
N GLN B 323 -4.61 -23.04 -16.61
CA GLN B 323 -4.71 -21.55 -16.58
C GLN B 323 -6.18 -21.19 -16.32
N GLU B 324 -7.10 -22.04 -16.81
CA GLU B 324 -8.58 -21.80 -16.83
C GLU B 324 -9.18 -21.98 -15.44
N GLU B 325 -8.69 -22.94 -14.65
CA GLU B 325 -9.19 -23.26 -13.28
C GLU B 325 -8.59 -22.24 -12.29
N LEU B 326 -7.33 -21.89 -12.49
CA LEU B 326 -6.61 -20.87 -11.68
C LEU B 326 -7.41 -19.57 -11.72
N ALA B 327 -7.96 -19.23 -12.89
CA ALA B 327 -8.78 -18.01 -13.09
C ALA B 327 -10.18 -18.23 -12.49
N ARG B 328 -10.72 -19.44 -12.59
CA ARG B 328 -12.04 -19.75 -12.00
C ARG B 328 -11.89 -19.58 -10.48
N LEU B 329 -10.74 -19.97 -9.92
CA LEU B 329 -10.43 -19.82 -8.48
C LEU B 329 -10.35 -18.32 -8.17
N LEU B 330 -9.46 -17.60 -8.85
CA LEU B 330 -9.26 -16.15 -8.64
C LEU B 330 -10.60 -15.42 -8.69
N GLN B 331 -11.50 -15.80 -9.59
CA GLN B 331 -12.83 -15.15 -9.84
C GLN B 331 -13.77 -15.44 -8.67
N PHE B 332 -13.72 -16.67 -8.14
CA PHE B 332 -14.59 -17.20 -7.08
C PHE B 332 -14.36 -16.47 -5.77
N THR B 333 -13.12 -15.97 -5.54
CA THR B 333 -12.64 -15.45 -4.27
C THR B 333 -12.45 -13.93 -4.33
N THR B 334 -12.13 -13.32 -5.47
CA THR B 334 -11.81 -11.85 -5.56
C THR B 334 -12.93 -11.05 -6.25
N GLY B 335 -13.62 -11.68 -7.23
CA GLY B 335 -14.74 -11.11 -7.99
C GLY B 335 -14.51 -11.10 -9.51
N SER B 336 -13.25 -11.06 -9.94
CA SER B 336 -12.85 -11.08 -11.37
C SER B 336 -11.86 -12.23 -11.60
N SER B 337 -11.88 -12.78 -12.81
CA SER B 337 -10.93 -13.80 -13.34
C SER B 337 -9.56 -13.15 -13.59
N GLN B 338 -9.47 -11.83 -13.55
CA GLN B 338 -8.23 -11.09 -13.89
C GLN B 338 -7.69 -10.37 -12.66
N LEU B 339 -6.37 -10.41 -12.47
CA LEU B 339 -5.62 -9.58 -11.50
C LEU B 339 -5.61 -8.14 -11.98
N PRO B 340 -5.58 -7.14 -11.08
CA PRO B 340 -5.51 -5.75 -11.52
C PRO B 340 -4.19 -5.52 -12.27
N PRO B 341 -3.96 -4.30 -12.79
CA PRO B 341 -2.63 -3.86 -13.24
C PRO B 341 -1.40 -4.47 -12.56
N GLY B 342 -1.25 -4.33 -11.22
CA GLY B 342 -0.03 -4.69 -10.48
C GLY B 342 0.11 -6.15 -10.08
N GLY B 343 -0.75 -7.06 -10.54
CA GLY B 343 -0.75 -8.47 -10.07
C GLY B 343 -1.28 -8.58 -8.64
N PHE B 344 -0.95 -9.67 -7.94
CA PHE B 344 -1.50 -10.02 -6.59
C PHE B 344 -1.15 -8.99 -5.53
N ALA B 345 -0.09 -8.23 -5.78
CA ALA B 345 0.41 -7.22 -4.85
C ALA B 345 -0.53 -6.05 -4.76
N ALA B 346 -1.29 -5.86 -5.82
CA ALA B 346 -2.15 -4.70 -5.93
C ALA B 346 -3.57 -5.04 -5.51
N LEU B 347 -3.81 -6.27 -5.14
CA LEU B 347 -5.14 -6.64 -4.72
C LEU B 347 -5.46 -5.81 -3.52
N CYS B 348 -6.57 -5.07 -3.61
CA CYS B 348 -7.08 -4.13 -2.60
C CYS B 348 -6.71 -4.59 -1.22
N PRO B 349 -7.41 -5.66 -0.81
CA PRO B 349 -7.12 -6.45 0.38
C PRO B 349 -6.41 -7.67 -0.19
N SER B 350 -5.33 -8.07 0.42
CA SER B 350 -4.55 -9.20 -0.11
C SER B 350 -5.39 -10.47 -0.15
N PHE B 351 -5.14 -11.26 -1.17
CA PHE B 351 -5.81 -12.55 -1.34
C PHE B 351 -5.55 -13.30 -0.07
N GLN B 352 -6.60 -13.63 0.62
CA GLN B 352 -6.47 -14.27 1.95
C GLN B 352 -7.21 -15.61 2.00
N ILE B 353 -6.59 -16.60 2.65
CA ILE B 353 -7.21 -17.89 3.02
C ILE B 353 -7.44 -17.90 4.53
N ILE B 354 -8.72 -17.91 4.95
CA ILE B 354 -9.10 -18.16 6.36
C ILE B 354 -9.45 -19.63 6.47
N ALA B 355 -9.01 -20.25 7.57
CA ALA B 355 -9.34 -21.65 7.99
C ALA B 355 -10.77 -21.70 8.49
N ALA B 356 -11.58 -22.59 7.92
CA ALA B 356 -12.86 -22.98 8.54
C ALA B 356 -12.61 -24.16 9.46
N PRO B 357 -13.44 -24.35 10.51
CA PRO B 357 -13.33 -25.50 11.40
C PRO B 357 -14.15 -26.72 10.95
N THR B 358 -14.72 -26.65 9.75
CA THR B 358 -15.32 -27.78 9.02
C THR B 358 -14.21 -28.66 8.45
N HIS B 359 -14.54 -29.94 8.23
CA HIS B 359 -13.86 -30.86 7.30
C HIS B 359 -14.93 -31.31 6.31
N SER B 360 -14.56 -31.53 5.06
CA SER B 360 -15.36 -32.25 4.04
C SER B 360 -16.48 -31.35 3.54
N THR B 361 -16.28 -30.02 3.54
CA THR B 361 -17.28 -29.00 3.18
C THR B 361 -16.90 -28.24 1.91
N LEU B 362 -17.91 -27.75 1.21
CA LEU B 362 -17.77 -26.89 0.01
C LEU B 362 -17.00 -25.63 0.41
N PRO B 363 -15.92 -25.22 -0.30
CA PRO B 363 -15.21 -23.99 0.04
C PRO B 363 -16.09 -22.77 -0.30
N THR B 364 -16.08 -21.75 0.56
CA THR B 364 -16.90 -20.51 0.44
C THR B 364 -15.96 -19.32 0.32
N ALA B 365 -16.49 -18.15 -0.01
CA ALA B 365 -15.71 -16.92 -0.29
C ALA B 365 -16.47 -15.64 0.05
N HIS B 366 -15.73 -14.55 0.23
CA HIS B 366 -16.24 -13.19 0.49
C HIS B 366 -15.41 -12.24 -0.37
N THR B 367 -15.96 -11.85 -1.51
CA THR B 367 -15.21 -11.28 -2.68
C THR B 367 -14.89 -9.81 -2.43
N CYS B 368 -15.61 -9.17 -1.50
CA CYS B 368 -15.33 -7.78 -1.08
C CYS B 368 -14.08 -7.73 -0.24
N PHE B 369 -13.63 -8.85 0.30
CA PHE B 369 -12.43 -8.89 1.12
C PHE B 369 -11.37 -9.82 0.54
N ASN B 370 -11.64 -10.35 -0.65
CA ASN B 370 -10.76 -11.28 -1.33
C ASN B 370 -10.40 -12.38 -0.35
N GLN B 371 -11.41 -13.03 0.14
CA GLN B 371 -11.23 -14.03 1.19
C GLN B 371 -11.77 -15.38 0.77
N LEU B 372 -10.94 -16.39 0.89
CA LEU B 372 -11.35 -17.78 0.66
C LEU B 372 -11.47 -18.48 2.02
N CYS B 373 -12.65 -19.05 2.30
CA CYS B 373 -12.95 -19.87 3.52
C CYS B 373 -12.66 -21.33 3.19
N LEU B 374 -11.44 -21.76 3.51
CA LEU B 374 -10.88 -23.08 3.15
C LEU B 374 -11.04 -24.00 4.35
N PRO B 375 -11.97 -24.98 4.35
CA PRO B 375 -12.03 -25.94 5.44
C PRO B 375 -10.67 -26.61 5.65
N THR B 376 -10.45 -27.13 6.87
CA THR B 376 -9.35 -28.07 7.24
C THR B 376 -9.78 -29.43 6.66
N TYR B 377 -9.25 -29.77 5.47
CA TYR B 377 -9.64 -30.98 4.71
C TYR B 377 -8.85 -32.17 5.25
N ASP B 378 -9.37 -33.37 4.98
CA ASP B 378 -8.94 -34.67 5.57
C ASP B 378 -7.80 -35.23 4.72
N SER B 379 -7.93 -35.20 3.36
CA SER B 379 -6.94 -35.74 2.38
C SER B 379 -6.49 -34.67 1.37
N TYR B 380 -5.27 -34.82 0.85
CA TYR B 380 -4.73 -34.08 -0.32
C TYR B 380 -5.78 -34.11 -1.43
N GLU B 381 -6.32 -35.29 -1.75
CA GLU B 381 -7.23 -35.47 -2.92
C GLU B 381 -8.51 -34.62 -2.75
N GLU B 382 -9.01 -34.46 -1.51
CA GLU B 382 -10.25 -33.72 -1.19
C GLU B 382 -10.02 -32.24 -1.54
N VAL B 383 -8.81 -31.72 -1.34
CA VAL B 383 -8.43 -30.34 -1.74
C VAL B 383 -8.56 -30.23 -3.26
N HIS B 384 -7.96 -31.17 -4.02
CA HIS B 384 -7.99 -31.23 -5.50
C HIS B 384 -9.43 -31.21 -6.03
N ARG B 385 -10.34 -32.04 -5.49
CA ARG B 385 -11.75 -32.13 -5.96
C ARG B 385 -12.46 -30.80 -5.74
N MET B 386 -12.09 -30.06 -4.69
CA MET B 386 -12.84 -28.89 -4.19
C MET B 386 -12.37 -27.62 -4.88
N LEU B 387 -11.08 -27.53 -5.22
CA LEU B 387 -10.53 -26.38 -5.97
C LEU B 387 -10.76 -26.52 -7.49
N GLN B 388 -11.42 -27.61 -7.92
CA GLN B 388 -12.07 -27.70 -9.27
C GLN B 388 -13.36 -26.87 -9.18
N LEU B 389 -14.37 -27.40 -8.47
CA LEU B 389 -15.77 -26.93 -8.49
C LEU B 389 -15.76 -25.41 -8.27
N GLN C 12 -31.74 8.61 33.87
CA GLN C 12 -30.51 9.47 33.77
C GLN C 12 -29.25 8.59 33.67
N GLY C 13 -28.08 9.22 33.46
CA GLY C 13 -26.75 8.55 33.48
C GLY C 13 -26.39 8.14 34.89
N SER C 14 -26.13 6.85 35.12
CA SER C 14 -25.98 6.25 36.47
C SER C 14 -24.54 6.42 36.98
N GLU C 15 -23.91 5.39 37.50
CA GLU C 15 -22.54 5.50 38.01
C GLU C 15 -21.60 5.66 36.84
N THR C 16 -20.89 6.77 36.84
CA THR C 16 -19.98 7.05 35.72
C THR C 16 -18.59 6.63 36.10
N PHE C 17 -17.72 6.58 35.12
CA PHE C 17 -16.35 6.14 35.34
C PHE C 17 -15.70 7.07 36.34
N GLN C 18 -15.75 8.36 36.06
CA GLN C 18 -15.05 9.32 36.96
C GLN C 18 -15.43 9.06 38.41
N ASP C 19 -16.72 8.85 38.67
CA ASP C 19 -17.29 8.57 40.01
C ASP C 19 -16.55 7.40 40.67
N LYS C 20 -16.45 6.29 39.94
CA LYS C 20 -15.80 5.03 40.37
C LYS C 20 -14.36 5.36 40.76
N VAL C 21 -13.65 6.14 39.92
CA VAL C 21 -12.21 6.45 40.12
C VAL C 21 -12.09 7.19 41.46
N ASN C 22 -12.89 8.24 41.65
CA ASN C 22 -12.82 9.09 42.87
C ASN C 22 -13.13 8.23 44.09
N PHE C 23 -14.17 7.39 44.01
CA PHE C 23 -14.54 6.45 45.11
C PHE C 23 -13.33 5.56 45.40
N PHE C 24 -12.80 4.91 44.37
CA PHE C 24 -11.65 3.95 44.46
C PHE C 24 -10.46 4.65 45.10
N GLN C 25 -10.08 5.82 44.59
CA GLN C 25 -8.85 6.53 45.04
C GLN C 25 -9.05 7.01 46.48
N ARG C 26 -10.24 7.48 46.82
CA ARG C 26 -10.55 7.92 48.20
C ARG C 26 -10.47 6.73 49.16
N GLU C 27 -11.22 5.65 48.88
CA GLU C 27 -11.19 4.41 49.72
C GLU C 27 -9.74 3.97 49.93
N LEU C 28 -8.91 4.13 48.93
CA LEU C 28 -7.56 3.53 48.87
C LEU C 28 -6.64 4.35 49.76
N ARG C 29 -6.74 5.68 49.71
CA ARG C 29 -6.00 6.63 50.60
C ARG C 29 -6.30 6.26 52.07
N GLN C 30 -7.59 6.09 52.40
CA GLN C 30 -8.04 5.77 53.78
C GLN C 30 -7.48 4.39 54.19
N VAL C 31 -7.51 3.39 53.29
CA VAL C 31 -7.10 2.00 53.64
C VAL C 31 -5.66 2.13 54.15
N HIS C 32 -4.77 2.76 53.40
CA HIS C 32 -3.32 2.86 53.74
C HIS C 32 -3.02 4.26 54.30
N MET C 33 -3.34 4.41 55.59
CA MET C 33 -2.77 5.41 56.52
C MET C 33 -1.83 4.68 57.49
N LYS C 34 -1.63 3.37 57.28
CA LYS C 34 -0.83 2.45 58.14
C LYS C 34 -0.50 1.17 57.36
N HIS C 37 3.49 8.40 55.27
CA HIS C 37 4.29 9.01 54.15
C HIS C 37 5.77 9.07 54.55
N SER C 38 6.39 7.91 54.77
CA SER C 38 7.82 7.84 55.15
C SER C 38 8.64 7.57 53.89
N LYS C 39 9.70 6.79 54.03
CA LYS C 39 10.54 6.40 52.89
C LYS C 39 11.01 4.97 53.09
N VAL C 40 11.40 4.33 51.98
CA VAL C 40 11.94 2.94 52.01
C VAL C 40 12.87 2.86 50.81
N THR C 41 13.97 2.12 50.89
CA THR C 41 15.00 2.19 49.81
C THR C 41 15.22 0.80 49.17
N LEU C 42 15.22 0.72 47.85
CA LEU C 42 15.62 -0.51 47.12
C LEU C 42 16.75 -0.18 46.14
N LYS C 43 17.72 -1.07 46.01
CA LYS C 43 18.86 -0.88 45.09
C LYS C 43 18.83 -2.06 44.12
N VAL C 44 18.76 -1.82 42.82
CA VAL C 44 18.88 -2.96 41.84
C VAL C 44 19.56 -2.40 40.61
N SER C 45 20.15 -3.26 39.76
CA SER C 45 21.00 -2.85 38.61
C SER C 45 20.34 -3.04 37.23
N ARG C 46 20.59 -2.05 36.37
CA ARG C 46 19.95 -1.84 35.04
C ARG C 46 20.26 -3.03 34.11
N HIS C 47 21.09 -4.00 34.50
CA HIS C 47 21.60 -5.08 33.60
C HIS C 47 20.97 -6.39 34.08
N ALA C 48 20.58 -6.57 35.35
CA ALA C 48 19.69 -7.67 35.79
C ALA C 48 18.48 -7.19 36.60
N LEU C 49 17.53 -6.45 35.98
CA LEU C 49 16.58 -5.52 36.64
C LEU C 49 15.59 -6.34 37.45
N LEU C 50 14.93 -7.31 36.79
CA LEU C 50 13.83 -8.10 37.40
C LEU C 50 14.40 -8.80 38.64
N GLU C 51 15.54 -9.49 38.51
CA GLU C 51 16.05 -10.39 39.57
C GLU C 51 16.55 -9.55 40.76
N SER C 52 17.17 -8.41 40.52
CA SER C 52 17.64 -7.46 41.57
C SER C 52 16.45 -6.75 42.22
N SER C 53 15.39 -6.48 41.46
CA SER C 53 14.18 -5.77 41.96
C SER C 53 13.39 -6.72 42.86
N LEU C 54 13.40 -8.01 42.52
CA LEU C 54 12.74 -9.06 43.32
C LEU C 54 13.47 -9.20 44.65
N LYS C 55 14.81 -9.28 44.58
CA LYS C 55 15.76 -9.46 45.70
C LYS C 55 15.62 -8.25 46.64
N ALA C 56 15.54 -7.06 46.06
CA ALA C 56 15.42 -5.77 46.76
C ALA C 56 14.18 -5.78 47.67
N THR C 57 13.13 -6.50 47.27
CA THR C 57 11.82 -6.45 47.97
C THR C 57 11.47 -7.81 48.57
N ARG C 58 12.35 -8.81 48.46
CA ARG C 58 12.08 -10.22 48.88
C ARG C 58 11.68 -10.28 50.35
N ASN C 59 12.25 -9.40 51.18
CA ASN C 59 12.14 -9.41 52.64
C ASN C 59 11.12 -8.37 53.13
N PHE C 60 10.47 -7.64 52.24
CA PHE C 60 9.45 -6.60 52.55
C PHE C 60 8.22 -7.21 53.24
N SER C 61 7.30 -6.33 53.56
CA SER C 61 5.94 -6.60 54.08
C SER C 61 4.98 -5.64 53.38
N ILE C 62 3.72 -5.63 53.79
CA ILE C 62 2.67 -4.83 53.12
C ILE C 62 2.95 -3.33 53.28
N SER C 63 3.04 -2.90 54.54
CA SER C 63 3.19 -1.48 54.94
C SER C 63 4.37 -0.88 54.21
N ASP C 64 5.45 -1.66 54.07
CA ASP C 64 6.71 -1.23 53.43
C ASP C 64 6.43 -0.77 51.99
N TRP C 65 5.64 -1.59 51.26
CA TRP C 65 5.25 -1.40 49.83
C TRP C 65 4.47 -0.10 49.71
N SER C 66 3.94 0.41 50.80
CA SER C 66 3.14 1.64 50.81
C SER C 66 4.10 2.80 51.08
N LYS C 67 5.28 2.54 51.61
CA LYS C 67 6.18 3.65 51.94
C LYS C 67 6.81 4.15 50.64
N ASN C 68 7.26 5.38 50.66
CA ASN C 68 7.78 5.97 49.41
C ASN C 68 9.01 5.19 48.97
N PHE C 69 9.05 4.85 47.71
CA PHE C 69 10.17 4.09 47.16
C PHE C 69 11.32 5.05 46.87
N GLU C 70 12.51 4.58 47.18
CA GLU C 70 13.82 5.25 46.97
C GLU C 70 14.67 4.30 46.13
N VAL C 71 14.82 4.61 44.85
CA VAL C 71 15.55 3.80 43.83
C VAL C 71 17.03 4.26 43.75
N VAL C 72 17.94 3.32 43.50
CA VAL C 72 19.35 3.67 43.12
C VAL C 72 19.95 2.46 42.40
N PHE C 73 20.46 2.74 41.20
CA PHE C 73 21.25 1.81 40.36
C PHE C 73 22.72 1.82 40.80
N GLN C 74 23.42 0.72 40.56
CA GLN C 74 24.91 0.62 40.68
C GLN C 74 25.51 1.17 39.38
N ASP C 75 24.87 0.87 38.25
CA ASP C 75 25.25 1.26 36.86
C ASP C 75 25.69 2.74 36.81
N GLU C 76 25.06 3.62 37.61
CA GLU C 76 25.41 5.08 37.70
C GLU C 76 25.41 5.53 39.16
N GLU C 77 26.57 5.37 39.84
CA GLU C 77 26.86 5.90 41.20
C GLU C 77 26.67 4.78 42.23
N GLY C 82 12.64 11.17 42.05
CA GLY C 82 11.95 11.66 40.86
C GLY C 82 12.43 10.94 39.59
N GLY C 83 13.68 11.19 39.19
CA GLY C 83 14.36 10.61 38.01
C GLY C 83 14.57 9.10 38.19
N PRO C 84 15.13 8.63 39.33
CA PRO C 84 15.31 7.20 39.56
C PRO C 84 13.99 6.42 39.70
N ARG C 85 12.99 6.94 40.42
CA ARG C 85 11.71 6.23 40.64
C ARG C 85 11.07 5.92 39.28
N ARG C 86 10.60 6.97 38.59
CA ARG C 86 9.87 6.91 37.28
C ARG C 86 10.54 5.89 36.36
N GLU C 87 11.85 6.02 36.17
CA GLU C 87 12.61 5.22 35.19
C GLU C 87 12.56 3.74 35.62
N TRP C 88 12.67 3.43 36.91
CA TRP C 88 12.58 2.03 37.42
C TRP C 88 11.18 1.49 37.11
N PHE C 89 10.13 2.15 37.58
CA PHE C 89 8.70 1.76 37.36
C PHE C 89 8.48 1.46 35.88
N GLU C 90 8.91 2.40 35.03
CA GLU C 90 8.81 2.28 33.54
C GLU C 90 9.41 0.95 33.10
N LEU C 91 10.66 0.67 33.50
CA LEU C 91 11.45 -0.49 33.06
C LEU C 91 10.89 -1.77 33.69
N ILE C 92 10.59 -1.75 34.97
CA ILE C 92 10.09 -2.95 35.70
C ILE C 92 8.78 -3.37 35.05
N CYS C 93 7.93 -2.41 34.67
CA CYS C 93 6.61 -2.71 34.07
C CYS C 93 6.86 -3.46 32.76
N LYS C 94 7.67 -2.89 31.89
CA LYS C 94 8.17 -3.52 30.64
C LYS C 94 8.68 -4.91 30.95
N ALA C 95 9.61 -5.02 31.90
CA ALA C 95 10.27 -6.31 32.27
C ALA C 95 9.21 -7.39 32.48
N LEU C 96 8.20 -7.09 33.28
CA LEU C 96 7.12 -8.04 33.57
C LEU C 96 6.18 -8.17 32.38
N PHE C 97 5.71 -7.06 31.85
CA PHE C 97 4.62 -7.14 30.85
C PHE C 97 4.99 -6.83 29.39
N ASP C 98 6.06 -7.37 28.82
CA ASP C 98 6.31 -7.05 27.41
C ASP C 98 6.70 -8.25 26.58
N THR C 99 6.62 -9.44 27.18
CA THR C 99 6.94 -10.75 26.56
C THR C 99 8.42 -11.04 26.32
N THR C 100 9.29 -10.13 26.65
CA THR C 100 10.70 -10.35 26.37
C THR C 100 11.16 -11.55 27.16
N ASN C 101 10.88 -11.53 28.44
CA ASN C 101 11.36 -12.62 29.32
C ASN C 101 10.29 -13.69 29.49
N GLN C 102 9.33 -13.79 28.58
CA GLN C 102 8.35 -14.90 28.56
C GLN C 102 7.47 -15.07 29.82
N LEU C 103 7.31 -14.06 30.68
CA LEU C 103 6.47 -14.23 31.89
C LEU C 103 5.04 -14.07 31.45
N PHE C 104 4.85 -13.16 30.53
CA PHE C 104 3.55 -12.86 29.92
C PHE C 104 3.73 -13.16 28.45
N THR C 105 2.66 -13.46 27.75
CA THR C 105 2.80 -13.73 26.31
C THR C 105 1.51 -13.34 25.60
N ARG C 106 1.53 -13.38 24.29
CA ARG C 106 0.32 -13.09 23.50
C ARG C 106 -0.01 -14.30 22.65
N PHE C 107 -1.21 -14.35 22.11
CA PHE C 107 -1.65 -15.50 21.30
C PHE C 107 -1.17 -15.32 19.87
N SER C 108 -1.48 -14.20 19.25
CA SER C 108 -0.95 -13.90 17.91
C SER C 108 0.54 -13.55 18.01
N ASP C 109 1.33 -13.92 17.01
CA ASP C 109 2.74 -13.52 16.99
C ASP C 109 2.84 -12.03 16.78
N ASN C 110 1.82 -11.46 16.17
CA ASN C 110 1.79 -10.03 15.88
C ASN C 110 2.00 -9.20 17.14
N ASN C 111 2.73 -8.12 16.96
CA ASN C 111 3.10 -7.19 18.05
C ASN C 111 1.95 -6.28 18.51
N GLN C 112 0.81 -6.30 17.83
CA GLN C 112 -0.31 -5.44 18.20
C GLN C 112 -1.16 -6.15 19.22
N ALA C 113 -0.93 -7.45 19.41
CA ALA C 113 -1.77 -8.25 20.29
C ALA C 113 -1.52 -7.90 21.76
N LEU C 114 -2.46 -8.25 22.62
CA LEU C 114 -2.29 -7.84 24.03
C LEU C 114 -1.59 -8.95 24.81
N VAL C 115 -1.09 -8.64 25.99
CA VAL C 115 -0.35 -9.63 26.79
C VAL C 115 -1.28 -10.36 27.77
N HIS C 116 -0.82 -11.53 28.20
CA HIS C 116 -1.62 -12.45 29.03
C HIS C 116 -0.65 -13.27 29.87
N PRO C 117 -1.01 -13.76 31.08
CA PRO C 117 -0.10 -14.63 31.80
C PRO C 117 0.18 -15.89 30.99
N ASN C 118 1.44 -16.34 30.95
CA ASN C 118 1.92 -17.40 30.03
C ASN C 118 1.45 -18.80 30.46
N PRO C 119 0.48 -19.40 29.73
CA PRO C 119 0.09 -20.79 30.00
C PRO C 119 1.24 -21.74 30.37
N ASN C 120 2.25 -21.86 29.49
CA ASN C 120 3.47 -22.68 29.71
C ASN C 120 4.71 -21.81 29.53
N ARG C 121 5.59 -21.76 30.52
CA ARG C 121 6.69 -20.76 30.64
C ARG C 121 7.98 -21.39 31.13
N PRO C 122 9.14 -20.86 30.65
CA PRO C 122 10.46 -21.26 31.13
C PRO C 122 10.60 -21.46 32.64
N ALA C 123 11.21 -22.58 33.06
CA ALA C 123 11.26 -23.05 34.46
C ALA C 123 11.89 -21.97 35.36
N HIS C 124 12.84 -21.20 34.82
CA HIS C 124 13.61 -20.17 35.60
C HIS C 124 12.68 -19.13 36.22
N LEU C 125 11.43 -19.02 35.70
CA LEU C 125 10.33 -18.14 36.15
C LEU C 125 9.51 -18.88 37.19
N ARG C 126 9.56 -18.35 38.42
CA ARG C 126 8.96 -18.91 39.66
C ARG C 126 7.54 -18.34 39.85
N LEU C 127 6.74 -18.96 40.72
CA LEU C 127 5.31 -18.59 40.90
C LEU C 127 5.17 -17.29 41.70
N LYS C 128 6.16 -16.81 42.45
CA LYS C 128 6.01 -15.54 43.22
C LYS C 128 6.57 -14.38 42.40
N MET C 129 6.97 -14.58 41.14
CA MET C 129 7.19 -13.47 40.18
C MET C 129 5.84 -12.81 39.90
N TYR C 130 4.80 -13.62 39.73
CA TYR C 130 3.39 -13.18 39.50
C TYR C 130 2.87 -12.41 40.70
N GLU C 131 3.07 -12.91 41.91
CA GLU C 131 2.75 -12.20 43.19
C GLU C 131 3.38 -10.80 43.14
N PHE C 132 4.67 -10.74 42.81
CA PHE C 132 5.42 -9.45 42.78
C PHE C 132 4.75 -8.53 41.75
N ALA C 133 4.39 -9.07 40.57
CA ALA C 133 3.69 -8.32 39.51
C ALA C 133 2.41 -7.68 40.08
N GLY C 134 1.66 -8.44 40.88
CA GLY C 134 0.39 -7.99 41.49
C GLY C 134 0.64 -6.90 42.52
N ARG C 135 1.72 -7.04 43.29
CA ARG C 135 2.14 -6.00 44.26
C ARG C 135 2.52 -4.73 43.51
N LEU C 136 3.20 -4.88 42.38
CA LEU C 136 3.68 -3.74 41.56
C LEU C 136 2.46 -3.02 40.97
N VAL C 137 1.55 -3.77 40.33
CA VAL C 137 0.27 -3.23 39.79
C VAL C 137 -0.49 -2.58 40.95
N GLY C 138 -0.52 -3.22 42.10
CA GLY C 138 -1.12 -2.66 43.33
C GLY C 138 -0.52 -1.32 43.70
N LYS C 139 0.81 -1.27 43.80
CA LYS C 139 1.56 -0.05 44.14
C LYS C 139 1.19 1.06 43.16
N CYS C 140 1.25 0.82 41.84
CA CYS C 140 0.90 1.83 40.81
C CYS C 140 -0.48 2.44 41.10
N LEU C 141 -1.50 1.59 41.30
CA LEU C 141 -2.89 2.03 41.59
C LEU C 141 -2.92 2.90 42.85
N TYR C 142 -2.16 2.50 43.87
CA TYR C 142 -2.13 3.16 45.20
C TYR C 142 -1.46 4.52 45.09
N GLU C 143 -0.20 4.58 44.61
CA GLU C 143 0.53 5.88 44.42
C GLU C 143 -0.32 6.76 43.50
N SER C 144 -0.91 6.21 42.43
CA SER C 144 -1.79 6.95 41.49
C SER C 144 -2.90 7.65 42.31
N SER C 145 -3.32 7.03 43.41
CA SER C 145 -4.49 7.48 44.19
C SER C 145 -4.13 8.57 45.20
N LEU C 146 -2.85 8.89 45.42
CA LEU C 146 -2.41 9.87 46.45
C LEU C 146 -2.49 11.26 45.84
N GLY C 147 -2.15 11.43 44.55
CA GLY C 147 -2.05 12.80 44.00
C GLY C 147 -1.30 12.80 42.70
N GLY C 148 -1.34 13.93 41.99
CA GLY C 148 -0.72 14.16 40.67
C GLY C 148 0.76 13.84 40.67
N ALA C 149 1.47 14.21 41.75
CA ALA C 149 2.93 14.11 41.93
C ALA C 149 3.38 12.65 41.92
N TYR C 150 2.59 11.76 42.52
CA TYR C 150 2.99 10.35 42.85
C TYR C 150 2.47 9.38 41.79
N LYS C 151 1.54 9.84 40.94
CA LYS C 151 0.95 9.03 39.84
C LYS C 151 1.97 8.11 39.16
N GLN C 152 1.64 6.81 39.09
CA GLN C 152 2.39 5.82 38.27
C GLN C 152 1.37 5.01 37.50
N LEU C 153 1.41 5.10 36.17
CA LEU C 153 0.60 4.25 35.26
C LEU C 153 1.34 2.93 35.09
N VAL C 154 0.60 1.84 34.98
CA VAL C 154 1.11 0.50 34.54
C VAL C 154 1.41 0.59 33.05
N ARG C 155 2.64 0.27 32.61
CA ARG C 155 3.00 0.21 31.18
C ARG C 155 2.87 -1.25 30.73
N ALA C 156 1.66 -1.60 30.31
CA ALA C 156 1.26 -2.91 29.74
C ALA C 156 -0.08 -2.78 29.05
N ARG C 157 -0.25 -3.54 27.97
CA ARG C 157 -1.53 -3.69 27.24
C ARG C 157 -2.05 -5.09 27.51
N PHE C 158 -2.78 -5.24 28.61
CA PHE C 158 -3.37 -6.53 29.06
C PHE C 158 -4.51 -6.97 28.14
N THR C 159 -4.65 -8.28 27.94
CA THR C 159 -5.86 -8.90 27.35
C THR C 159 -7.08 -8.43 28.14
N ARG C 160 -8.26 -8.35 27.55
CA ARG C 160 -9.51 -8.12 28.30
C ARG C 160 -9.75 -9.32 29.25
N SER C 161 -9.58 -10.52 28.73
CA SER C 161 -9.66 -11.81 29.47
C SER C 161 -8.96 -11.68 30.84
N PHE C 162 -7.74 -11.13 30.84
CA PHE C 162 -6.87 -11.06 32.05
C PHE C 162 -7.43 -9.98 32.99
N LEU C 163 -7.81 -8.84 32.43
CA LEU C 163 -8.36 -7.69 33.22
C LEU C 163 -9.61 -8.17 33.91
N ALA C 164 -10.41 -9.00 33.23
CA ALA C 164 -11.68 -9.51 33.79
C ALA C 164 -11.39 -10.49 34.94
N GLN C 165 -10.32 -11.28 34.83
CA GLN C 165 -9.98 -12.28 35.87
C GLN C 165 -9.62 -11.51 37.15
N ILE C 166 -9.05 -10.33 37.03
CA ILE C 166 -8.71 -9.45 38.19
C ILE C 166 -10.05 -9.06 38.85
N ILE C 167 -10.95 -8.43 38.11
CA ILE C 167 -12.29 -8.02 38.65
C ILE C 167 -12.97 -9.27 39.24
N GLY C 168 -12.80 -10.43 38.61
CA GLY C 168 -13.33 -11.71 39.13
C GLY C 168 -14.44 -12.29 38.25
N LEU C 169 -14.62 -11.74 37.05
CA LEU C 169 -15.66 -12.11 36.06
C LEU C 169 -15.29 -13.46 35.44
N ARG C 170 -16.30 -14.15 34.89
CA ARG C 170 -16.19 -15.40 34.10
C ARG C 170 -15.94 -15.08 32.62
N MET C 171 -15.22 -16.00 31.99
CA MET C 171 -14.80 -15.89 30.57
C MET C 171 -15.99 -16.06 29.62
N HIS C 172 -15.99 -15.29 28.54
CA HIS C 172 -17.07 -15.14 27.54
C HIS C 172 -16.34 -15.10 26.20
N TYR C 173 -16.96 -15.56 25.11
CA TYR C 173 -16.24 -15.71 23.82
C TYR C 173 -15.92 -14.33 23.26
N LYS C 174 -16.72 -13.33 23.63
CA LYS C 174 -16.56 -11.93 23.15
C LYS C 174 -15.11 -11.50 23.42
N TYR C 175 -14.43 -12.10 24.40
CA TYR C 175 -13.03 -11.71 24.75
C TYR C 175 -12.07 -12.07 23.61
N PHE C 176 -12.40 -13.09 22.79
CA PHE C 176 -11.52 -13.52 21.69
C PHE C 176 -11.38 -12.39 20.67
N GLU C 177 -12.41 -11.54 20.52
CA GLU C 177 -12.40 -10.40 19.55
C GLU C 177 -11.19 -9.50 19.82
N THR C 178 -10.66 -9.50 21.04
CA THR C 178 -9.64 -8.52 21.51
C THR C 178 -8.29 -9.23 21.73
N ASP C 179 -8.32 -10.53 22.02
CA ASP C 179 -7.23 -11.27 22.68
C ASP C 179 -6.64 -12.30 21.73
N ASP C 180 -7.41 -12.80 20.77
CA ASP C 180 -6.93 -13.74 19.72
C ASP C 180 -7.73 -13.53 18.43
N PRO C 181 -7.55 -12.37 17.78
CA PRO C 181 -8.46 -11.99 16.68
C PRO C 181 -8.49 -13.12 15.63
N GLU C 182 -7.34 -13.58 15.12
CA GLU C 182 -7.28 -14.65 14.10
C GLU C 182 -8.29 -15.72 14.45
N PHE C 183 -8.35 -16.10 15.72
CA PHE C 183 -9.19 -17.22 16.23
C PHE C 183 -10.66 -16.82 16.30
N TYR C 184 -10.97 -15.57 16.62
CA TYR C 184 -12.35 -15.03 16.62
C TYR C 184 -12.86 -15.02 15.18
N LYS C 185 -12.14 -14.29 14.33
CA LYS C 185 -12.39 -14.06 12.90
C LYS C 185 -12.54 -15.38 12.18
N SER C 186 -11.75 -16.40 12.51
CA SER C 186 -11.78 -17.75 11.88
C SER C 186 -12.79 -18.73 12.52
N LYS C 187 -12.49 -19.27 13.72
CA LYS C 187 -13.28 -20.37 14.31
C LYS C 187 -14.58 -19.84 14.95
N VAL C 188 -14.49 -18.80 15.77
CA VAL C 188 -15.63 -18.44 16.68
C VAL C 188 -16.77 -17.88 15.81
N CYS C 189 -16.48 -16.85 15.00
CA CYS C 189 -17.42 -16.21 14.06
C CYS C 189 -18.04 -17.34 13.23
N PHE C 190 -17.24 -18.17 12.60
CA PHE C 190 -17.70 -19.32 11.78
C PHE C 190 -18.82 -20.08 12.52
N ILE C 191 -18.52 -20.58 13.72
CA ILE C 191 -19.50 -21.30 14.57
C ILE C 191 -20.72 -20.43 14.87
N LEU C 192 -20.55 -19.16 15.17
CA LEU C 192 -21.69 -18.25 15.49
C LEU C 192 -22.58 -18.09 14.26
N ASN C 193 -22.02 -18.20 13.05
CA ASN C 193 -22.63 -17.71 11.79
C ASN C 193 -23.03 -18.86 10.86
N ASN C 194 -22.92 -20.10 11.33
CA ASN C 194 -23.18 -21.29 10.52
C ASN C 194 -24.12 -22.24 11.27
N ASP C 195 -24.67 -23.21 10.54
CA ASP C 195 -25.58 -24.26 11.07
C ASP C 195 -24.69 -25.46 11.45
N MET C 196 -24.75 -25.90 12.71
CA MET C 196 -23.79 -26.85 13.32
C MET C 196 -24.15 -28.31 13.03
N SER C 197 -25.24 -28.59 12.33
CA SER C 197 -25.62 -30.01 12.09
C SER C 197 -24.61 -30.67 11.12
N GLU C 198 -24.05 -29.85 10.24
CA GLU C 198 -23.01 -30.24 9.26
C GLU C 198 -21.67 -30.55 9.97
N MET C 199 -21.28 -29.67 10.89
CA MET C 199 -19.89 -29.43 11.38
C MET C 199 -19.18 -30.71 11.82
N GLU C 200 -19.90 -31.55 12.58
CA GLU C 200 -19.35 -32.76 13.26
C GLU C 200 -18.23 -32.36 14.23
N LEU C 201 -18.51 -31.42 15.11
CA LEU C 201 -17.57 -30.93 16.16
C LEU C 201 -18.04 -31.38 17.55
N VAL C 202 -17.15 -31.39 18.55
CA VAL C 202 -17.48 -31.80 19.95
C VAL C 202 -16.79 -30.90 21.00
N PHE C 203 -17.17 -31.09 22.28
CA PHE C 203 -16.72 -30.28 23.43
C PHE C 203 -15.38 -30.78 23.94
N ALA C 204 -14.40 -31.00 23.06
CA ALA C 204 -13.01 -31.21 23.48
C ALA C 204 -12.10 -30.31 22.63
N GLU C 205 -10.88 -30.12 23.08
CA GLU C 205 -9.81 -29.46 22.30
C GLU C 205 -8.67 -30.46 22.13
N GLU C 206 -8.11 -30.60 20.93
CA GLU C 206 -6.89 -31.43 20.74
C GLU C 206 -5.71 -30.46 20.68
N LYS C 207 -4.83 -30.56 21.69
CA LYS C 207 -3.55 -29.80 21.79
C LYS C 207 -2.45 -30.59 21.06
N TYR C 208 -1.62 -29.83 20.34
CA TYR C 208 -0.56 -30.27 19.41
C TYR C 208 0.76 -29.67 19.89
N ASN C 209 1.84 -30.19 19.33
CA ASN C 209 3.24 -29.75 19.61
C ASN C 209 3.71 -28.92 18.42
N LYS C 210 4.85 -28.25 18.54
CA LYS C 210 5.51 -27.53 17.41
C LYS C 210 6.00 -28.57 16.39
N SER C 211 5.24 -29.66 16.25
CA SER C 211 5.58 -30.86 15.44
C SER C 211 4.32 -31.54 14.88
N GLY C 212 3.17 -31.30 15.50
CA GLY C 212 1.92 -31.82 14.92
C GLY C 212 1.44 -33.09 15.58
N GLN C 213 2.31 -33.89 16.16
CA GLN C 213 1.83 -35.15 16.74
C GLN C 213 0.96 -34.79 17.94
N LEU C 214 -0.25 -35.32 17.92
CA LEU C 214 -1.23 -35.09 19.00
C LEU C 214 -0.60 -35.40 20.36
N ASP C 215 -0.46 -34.35 21.14
CA ASP C 215 0.07 -34.36 22.53
C ASP C 215 -0.96 -34.94 23.52
N LYS C 216 -2.19 -34.36 23.58
CA LYS C 216 -3.32 -34.82 24.44
C LYS C 216 -4.65 -34.25 23.91
N VAL C 217 -5.74 -34.96 24.04
CA VAL C 217 -7.12 -34.40 23.87
C VAL C 217 -7.66 -34.00 25.26
N VAL C 218 -8.26 -32.81 25.37
CA VAL C 218 -8.78 -32.24 26.66
C VAL C 218 -10.28 -31.93 26.49
N GLU C 219 -11.11 -32.65 27.25
CA GLU C 219 -12.57 -32.40 27.36
C GLU C 219 -12.76 -31.06 28.07
N LEU C 220 -13.62 -30.19 27.53
CA LEU C 220 -14.00 -28.86 28.09
C LEU C 220 -14.89 -29.07 29.32
N MET C 221 -15.47 -30.26 29.41
CA MET C 221 -16.26 -30.76 30.57
C MET C 221 -16.34 -32.28 30.43
N THR C 222 -16.74 -32.98 31.49
CA THR C 222 -16.83 -34.46 31.48
C THR C 222 -17.76 -34.93 30.37
N GLY C 223 -17.26 -35.86 29.55
CA GLY C 223 -17.96 -36.44 28.39
C GLY C 223 -17.99 -35.48 27.21
N GLY C 224 -17.32 -34.33 27.32
CA GLY C 224 -17.21 -33.35 26.24
C GLY C 224 -16.88 -34.03 24.92
N ALA C 225 -16.02 -35.06 25.00
CA ALA C 225 -15.44 -35.76 23.83
C ALA C 225 -16.61 -36.39 23.05
N GLN C 226 -17.57 -36.99 23.77
CA GLN C 226 -18.72 -37.72 23.17
C GLN C 226 -19.97 -36.83 23.20
N THR C 227 -19.82 -35.55 23.52
CA THR C 227 -20.92 -34.54 23.36
C THR C 227 -20.67 -33.73 22.10
N PRO C 228 -21.60 -33.81 21.11
CA PRO C 228 -21.46 -33.05 19.87
C PRO C 228 -21.82 -31.59 20.15
N VAL C 229 -21.35 -30.68 19.29
CA VAL C 229 -21.84 -29.28 19.19
C VAL C 229 -23.08 -29.24 18.30
N THR C 230 -24.25 -29.06 18.92
CA THR C 230 -25.54 -28.76 18.23
C THR C 230 -25.60 -27.25 17.97
N ASN C 231 -26.69 -26.77 17.39
CA ASN C 231 -26.99 -25.32 17.28
C ASN C 231 -27.56 -24.79 18.58
N ALA C 232 -28.00 -25.69 19.46
CA ALA C 232 -28.70 -25.40 20.72
C ALA C 232 -27.67 -25.16 21.82
N ASN C 233 -26.46 -25.68 21.66
CA ASN C 233 -25.41 -25.60 22.72
C ASN C 233 -24.16 -24.96 22.10
N LYS C 234 -24.22 -24.51 20.85
CA LYS C 234 -22.99 -23.95 20.25
C LYS C 234 -22.48 -22.78 21.11
N ILE C 235 -23.32 -22.01 21.80
CA ILE C 235 -22.81 -20.86 22.58
C ILE C 235 -22.15 -21.38 23.85
N PHE C 236 -22.79 -22.30 24.56
CA PHE C 236 -22.21 -22.94 25.78
C PHE C 236 -20.81 -23.47 25.43
N TYR C 237 -20.65 -24.05 24.25
CA TYR C 237 -19.35 -24.54 23.71
C TYR C 237 -18.36 -23.38 23.67
N LEU C 238 -18.65 -22.37 22.86
CA LEU C 238 -17.76 -21.20 22.64
C LEU C 238 -17.28 -20.61 23.97
N ASN C 239 -18.13 -20.46 24.99
CA ASN C 239 -17.68 -19.89 26.29
C ASN C 239 -16.94 -20.92 27.14
N LEU C 240 -17.35 -22.18 27.13
CA LEU C 240 -16.54 -23.24 27.77
C LEU C 240 -15.12 -23.23 27.15
N LEU C 241 -15.02 -22.83 25.89
CA LEU C 241 -13.76 -22.72 25.12
C LEU C 241 -13.03 -21.46 25.56
N ALA C 242 -13.75 -20.34 25.71
CA ALA C 242 -13.20 -19.10 26.30
C ALA C 242 -12.55 -19.43 27.68
N GLN C 243 -13.30 -20.08 28.58
CA GLN C 243 -12.85 -20.45 29.95
C GLN C 243 -11.55 -21.22 29.81
N TYR C 244 -11.44 -22.14 28.87
CA TYR C 244 -10.29 -23.05 28.74
C TYR C 244 -9.03 -22.31 28.25
N ARG C 245 -9.15 -21.60 27.12
CA ARG C 245 -7.99 -21.00 26.44
C ARG C 245 -7.52 -19.79 27.26
N LEU C 246 -8.41 -19.07 27.90
CA LEU C 246 -8.06 -17.72 28.43
C LEU C 246 -7.72 -17.81 29.92
N ALA C 247 -8.29 -18.77 30.66
CA ALA C 247 -8.29 -18.74 32.14
C ALA C 247 -7.81 -20.08 32.71
N SER C 248 -8.34 -21.20 32.21
CA SER C 248 -8.17 -22.56 32.79
C SER C 248 -6.69 -22.90 32.89
N GLN C 249 -5.86 -22.48 31.94
CA GLN C 249 -4.48 -22.98 31.85
C GLN C 249 -3.54 -22.05 32.61
N VAL C 250 -4.10 -21.05 33.32
CA VAL C 250 -3.32 -20.01 34.08
C VAL C 250 -3.96 -19.74 35.46
N LYS C 251 -4.83 -20.61 36.00
CA LYS C 251 -5.47 -20.41 37.34
C LYS C 251 -4.36 -20.04 38.35
N GLU C 252 -3.27 -20.82 38.41
CA GLU C 252 -2.22 -20.70 39.47
C GLU C 252 -1.61 -19.28 39.48
N GLU C 253 -1.19 -18.82 38.31
CA GLU C 253 -0.46 -17.55 38.14
C GLU C 253 -1.42 -16.42 38.49
N VAL C 254 -2.67 -16.47 38.05
CA VAL C 254 -3.63 -15.34 38.28
C VAL C 254 -3.91 -15.31 39.78
N GLU C 255 -4.09 -16.45 40.45
CA GLU C 255 -4.35 -16.48 41.89
C GLU C 255 -3.22 -15.75 42.60
N HIS C 256 -1.97 -15.99 42.17
CA HIS C 256 -0.81 -15.40 42.83
C HIS C 256 -0.74 -13.90 42.50
N PHE C 257 -1.02 -13.52 41.27
CA PHE C 257 -1.04 -12.08 40.90
C PHE C 257 -2.00 -11.37 41.86
N LEU C 258 -3.20 -11.93 41.98
CA LEU C 258 -4.26 -11.31 42.78
C LEU C 258 -3.89 -11.29 44.26
N LYS C 259 -3.09 -12.25 44.71
CA LYS C 259 -2.64 -12.25 46.12
C LYS C 259 -1.91 -10.92 46.37
N GLY C 260 -0.89 -10.62 45.55
CA GLY C 260 -0.12 -9.38 45.74
C GLY C 260 -0.97 -8.16 45.49
N LEU C 261 -1.88 -8.26 44.52
CA LEU C 261 -2.75 -7.10 44.18
C LEU C 261 -3.67 -6.82 45.36
N ASN C 262 -4.23 -7.86 45.95
CA ASN C 262 -5.26 -7.70 47.01
C ASN C 262 -4.60 -7.28 48.33
N GLU C 263 -3.27 -7.25 48.41
CA GLU C 263 -2.57 -6.79 49.62
C GLU C 263 -2.73 -5.26 49.73
N LEU C 264 -2.59 -4.55 48.61
CA LEU C 264 -2.65 -3.05 48.60
C LEU C 264 -4.05 -2.58 48.17
N VAL C 265 -4.70 -3.37 47.31
CA VAL C 265 -6.04 -3.02 46.74
C VAL C 265 -6.95 -4.22 46.94
N PRO C 266 -7.98 -4.13 47.82
CA PRO C 266 -8.95 -5.18 47.98
C PRO C 266 -9.80 -5.42 46.72
N GLU C 267 -10.31 -6.63 46.58
CA GLU C 267 -11.14 -7.02 45.40
C GLU C 267 -12.45 -6.23 45.41
N ASN C 268 -13.05 -6.07 46.60
CA ASN C 268 -14.36 -5.39 46.75
C ASN C 268 -14.33 -4.07 45.99
N LEU C 269 -13.13 -3.51 45.77
CA LEU C 269 -13.02 -2.13 45.19
C LEU C 269 -12.77 -2.22 43.68
N LEU C 270 -11.97 -3.20 43.26
CA LEU C 270 -11.73 -3.50 41.81
C LEU C 270 -13.06 -3.96 41.17
N ALA C 271 -13.90 -4.65 41.93
CA ALA C 271 -15.21 -5.19 41.51
C ALA C 271 -16.12 -4.09 40.91
N ILE C 272 -15.99 -2.85 41.37
CA ILE C 272 -16.93 -1.78 40.92
C ILE C 272 -16.61 -1.42 39.46
N PHE C 273 -15.52 -1.96 38.91
CA PHE C 273 -15.07 -1.69 37.51
C PHE C 273 -15.43 -2.85 36.57
N ASP C 274 -15.72 -2.49 35.30
CA ASP C 274 -15.62 -3.41 34.13
C ASP C 274 -14.19 -3.34 33.59
N GLU C 275 -13.91 -4.24 32.63
CA GLU C 275 -12.62 -4.56 32.00
C GLU C 275 -11.97 -3.27 31.48
N ASN C 276 -12.71 -2.54 30.65
CA ASN C 276 -12.16 -1.39 29.89
C ASN C 276 -11.86 -0.23 30.84
N GLU C 277 -12.70 -0.06 31.84
CA GLU C 277 -12.54 0.98 32.88
C GLU C 277 -11.26 0.64 33.64
N LEU C 278 -11.11 -0.63 34.05
CA LEU C 278 -9.93 -1.04 34.85
C LEU C 278 -8.66 -0.69 34.03
N GLU C 279 -8.67 -0.93 32.72
CA GLU C 279 -7.49 -0.59 31.85
C GLU C 279 -7.17 0.89 31.95
N LEU C 280 -8.17 1.74 31.76
CA LEU C 280 -8.07 3.24 31.81
C LEU C 280 -7.61 3.69 33.19
N LEU C 281 -8.06 3.06 34.28
CA LEU C 281 -7.63 3.43 35.65
C LEU C 281 -6.15 3.08 35.87
N MET C 282 -5.71 1.94 35.37
CA MET C 282 -4.39 1.33 35.68
C MET C 282 -3.31 1.91 34.79
N CYS C 283 -3.57 2.09 33.50
CA CYS C 283 -2.50 2.19 32.44
C CYS C 283 -2.47 3.58 31.81
N GLY C 284 -3.42 4.45 32.16
CA GLY C 284 -3.37 5.91 31.91
C GLY C 284 -4.39 6.33 30.85
N THR C 285 -4.63 7.64 30.70
CA THR C 285 -5.24 8.23 29.47
C THR C 285 -4.13 8.38 28.42
N GLY C 286 -2.91 8.66 28.89
CA GLY C 286 -1.65 8.62 28.13
C GLY C 286 -1.56 9.73 27.08
N ASP C 287 -1.01 9.39 25.92
CA ASP C 287 -0.34 10.30 24.95
C ASP C 287 -0.63 9.81 23.53
N ILE C 288 -1.73 10.25 22.92
CA ILE C 288 -2.14 9.76 21.58
C ILE C 288 -2.04 10.97 20.66
N SER C 289 -1.14 10.92 19.67
CA SER C 289 -0.99 11.93 18.59
C SER C 289 -2.26 12.05 17.71
N VAL C 290 -2.97 13.16 17.78
CA VAL C 290 -4.12 13.40 16.85
C VAL C 290 -3.56 13.36 15.42
N SER C 291 -2.35 13.88 15.14
CA SER C 291 -1.85 14.05 13.75
C SER C 291 -1.60 12.68 13.11
N ASP C 292 -1.01 11.74 13.86
CA ASP C 292 -0.76 10.33 13.45
C ASP C 292 -2.11 9.66 13.25
N PHE C 293 -3.09 9.93 14.11
CA PHE C 293 -4.48 9.43 14.01
C PHE C 293 -5.02 9.77 12.62
N LYS C 294 -4.94 11.03 12.19
CA LYS C 294 -5.51 11.49 10.89
C LYS C 294 -4.73 10.90 9.71
N ALA C 295 -3.42 10.68 9.88
CA ALA C 295 -2.51 10.14 8.84
C ALA C 295 -2.93 8.72 8.46
N HIS C 296 -3.34 7.88 9.44
CA HIS C 296 -3.53 6.40 9.25
C HIS C 296 -5.02 6.02 9.24
N ALA C 297 -5.87 6.97 9.61
CA ALA C 297 -7.34 6.73 9.75
C ALA C 297 -7.96 6.62 8.37
N VAL C 298 -8.43 5.41 8.03
CA VAL C 298 -9.04 5.08 6.71
C VAL C 298 -10.55 5.29 6.74
N VAL C 299 -11.09 6.01 5.74
CA VAL C 299 -12.51 6.38 5.67
C VAL C 299 -13.14 5.63 4.51
N VAL C 300 -14.35 5.11 4.69
CA VAL C 300 -14.98 4.10 3.78
C VAL C 300 -16.45 4.48 3.56
N GLY C 301 -16.85 4.67 2.29
CA GLY C 301 -18.23 4.94 1.88
C GLY C 301 -18.72 6.29 2.37
N GLY C 302 -20.02 6.53 2.28
CA GLY C 302 -20.65 7.77 2.80
C GLY C 302 -20.87 8.80 1.72
N SER C 303 -22.08 9.36 1.70
CA SER C 303 -22.48 10.36 0.72
C SER C 303 -21.61 11.55 1.02
N TRP C 304 -21.18 12.29 0.03
CA TRP C 304 -20.28 13.48 0.21
C TRP C 304 -20.57 14.44 1.39
N HIS C 305 -21.78 14.58 1.91
CA HIS C 305 -22.07 15.31 3.14
C HIS C 305 -21.18 14.63 4.16
N PHE C 306 -21.25 13.30 4.26
CA PHE C 306 -20.37 12.50 5.15
C PHE C 306 -18.91 12.82 4.84
N ARG C 307 -18.40 12.46 3.69
CA ARG C 307 -16.98 12.65 3.36
C ARG C 307 -16.49 14.05 3.61
N GLU C 308 -17.26 15.05 3.27
CA GLU C 308 -16.73 16.41 3.27
C GLU C 308 -17.10 17.27 4.47
N LYS C 309 -18.17 16.96 5.16
CA LYS C 309 -18.58 17.83 6.24
C LYS C 309 -18.50 17.06 7.54
N VAL C 310 -19.12 15.91 7.60
CA VAL C 310 -19.28 15.14 8.86
C VAL C 310 -17.88 14.68 9.32
N MET C 311 -17.07 14.19 8.41
CA MET C 311 -15.65 13.83 8.71
C MET C 311 -14.84 15.08 9.07
N ARG C 312 -15.28 16.28 8.70
CA ARG C 312 -14.57 17.53 9.05
C ARG C 312 -14.90 17.85 10.51
N TRP C 313 -16.15 17.66 10.92
CA TRP C 313 -16.61 17.73 12.34
C TRP C 313 -15.85 16.68 13.16
N PHE C 314 -15.85 15.41 12.74
CA PHE C 314 -15.11 14.31 13.37
C PHE C 314 -13.73 14.85 13.80
N TRP C 315 -12.94 15.34 12.85
CA TRP C 315 -11.48 15.64 13.06
C TRP C 315 -11.30 16.96 13.82
N THR C 316 -12.23 17.89 13.71
CA THR C 316 -12.26 19.11 14.55
C THR C 316 -12.46 18.69 16.02
N VAL C 317 -13.63 18.05 16.30
CA VAL C 317 -13.95 17.41 17.60
C VAL C 317 -12.73 16.62 18.14
N VAL C 318 -12.07 15.79 17.33
CA VAL C 318 -11.03 14.85 17.87
C VAL C 318 -9.91 15.70 18.46
N SER C 319 -9.58 16.82 17.81
CA SER C 319 -8.49 17.76 18.24
C SER C 319 -8.88 18.50 19.53
N SER C 320 -10.19 18.63 19.80
CA SER C 320 -10.80 19.17 21.03
C SER C 320 -10.65 18.15 22.17
N LEU C 321 -10.92 16.86 21.92
CA LEU C 321 -11.11 15.83 22.97
C LEU C 321 -9.89 15.84 23.90
N THR C 322 -10.16 15.60 25.20
CA THR C 322 -9.16 15.43 26.30
C THR C 322 -8.36 14.16 26.04
N GLN C 323 -7.14 14.07 26.57
CA GLN C 323 -6.27 12.85 26.44
C GLN C 323 -7.17 11.65 26.79
N GLU C 324 -8.16 11.83 27.68
CA GLU C 324 -8.93 10.72 28.31
C GLU C 324 -10.03 10.25 27.34
N GLU C 325 -10.63 11.19 26.62
CA GLU C 325 -11.75 10.88 25.67
C GLU C 325 -11.15 10.24 24.41
N LEU C 326 -9.99 10.75 24.00
CA LEU C 326 -9.22 10.25 22.82
C LEU C 326 -8.91 8.78 23.05
N ALA C 327 -8.57 8.41 24.29
CA ALA C 327 -8.27 7.00 24.68
C ALA C 327 -9.58 6.24 24.81
N ARG C 328 -10.66 6.85 25.31
CA ARG C 328 -11.95 6.15 25.43
C ARG C 328 -12.38 5.80 24.00
N LEU C 329 -12.13 6.71 23.04
CA LEU C 329 -12.45 6.51 21.59
C LEU C 329 -11.59 5.36 21.08
N LEU C 330 -10.27 5.48 21.19
CA LEU C 330 -9.29 4.47 20.70
C LEU C 330 -9.69 3.10 21.22
N GLN C 331 -10.11 3.01 22.49
CA GLN C 331 -10.47 1.74 23.21
C GLN C 331 -11.75 1.14 22.62
N PHE C 332 -12.73 2.00 22.32
CA PHE C 332 -14.08 1.66 21.85
C PHE C 332 -14.00 0.98 20.48
N THR C 333 -12.98 1.35 19.69
CA THR C 333 -12.85 1.01 18.26
C THR C 333 -11.79 -0.07 18.01
N THR C 334 -10.69 -0.12 18.78
CA THR C 334 -9.55 -1.08 18.56
C THR C 334 -9.52 -2.24 19.57
N GLY C 335 -9.98 -1.98 20.81
CA GLY C 335 -10.02 -2.96 21.92
C GLY C 335 -9.24 -2.53 23.17
N SER C 336 -8.15 -1.77 22.98
CA SER C 336 -7.28 -1.18 24.02
C SER C 336 -7.28 0.35 23.91
N SER C 337 -7.10 1.02 25.05
CA SER C 337 -6.93 2.49 25.17
C SER C 337 -5.54 2.90 24.69
N GLN C 338 -4.67 1.93 24.44
CA GLN C 338 -3.21 2.18 24.19
C GLN C 338 -2.87 1.71 22.78
N LEU C 339 -2.11 2.52 22.05
CA LEU C 339 -1.52 2.15 20.73
C LEU C 339 -0.43 1.14 20.98
N PRO C 340 -0.12 0.23 20.02
CA PRO C 340 1.03 -0.66 20.17
C PRO C 340 2.35 0.13 20.21
N PRO C 341 3.49 -0.55 20.44
CA PRO C 341 4.82 -0.02 20.14
C PRO C 341 4.92 1.01 18.99
N GLY C 342 4.52 0.65 17.76
CA GLY C 342 4.76 1.46 16.56
C GLY C 342 3.73 2.55 16.29
N GLY C 343 2.85 2.87 17.25
CA GLY C 343 1.76 3.87 17.06
C GLY C 343 0.75 3.40 16.03
N PHE C 344 -0.06 4.31 15.49
CA PHE C 344 -1.21 4.01 14.58
C PHE C 344 -0.76 3.22 13.35
N ALA C 345 0.53 3.20 13.11
CA ALA C 345 1.07 2.47 11.95
C ALA C 345 1.21 1.01 12.29
N ALA C 346 0.92 0.65 13.53
CA ALA C 346 1.16 -0.73 13.93
C ALA C 346 -0.14 -1.50 14.06
N LEU C 347 -1.27 -0.85 13.94
CA LEU C 347 -2.51 -1.58 14.06
C LEU C 347 -2.60 -2.57 12.92
N CYS C 348 -2.83 -3.82 13.27
CA CYS C 348 -2.91 -4.96 12.33
C CYS C 348 -3.71 -4.56 11.11
N PRO C 349 -4.96 -4.15 11.34
CA PRO C 349 -5.81 -3.53 10.37
C PRO C 349 -5.88 -2.08 10.79
N SER C 350 -5.67 -1.16 9.88
CA SER C 350 -5.60 0.26 10.27
C SER C 350 -6.96 0.77 10.73
N PHE C 351 -6.87 1.76 11.59
CA PHE C 351 -8.06 2.38 12.18
C PHE C 351 -8.94 2.81 11.04
N GLN C 352 -10.14 2.28 11.00
CA GLN C 352 -11.01 2.61 9.85
C GLN C 352 -12.37 3.15 10.32
N ILE C 353 -12.88 4.16 9.63
CA ILE C 353 -14.21 4.76 9.84
C ILE C 353 -15.11 4.42 8.65
N ILE C 354 -16.14 3.58 8.89
CA ILE C 354 -17.21 3.31 7.89
C ILE C 354 -18.37 4.25 8.20
N ALA C 355 -18.94 4.85 7.16
CA ALA C 355 -20.22 5.59 7.18
C ALA C 355 -21.35 4.58 7.41
N ALA C 356 -22.23 4.87 8.37
CA ALA C 356 -23.55 4.23 8.45
C ALA C 356 -24.59 5.14 7.77
N PRO C 357 -25.61 4.52 7.12
CA PRO C 357 -26.66 5.30 6.44
C PRO C 357 -27.51 6.14 7.38
N THR C 358 -27.46 5.80 8.67
CA THR C 358 -28.23 6.39 9.79
C THR C 358 -27.84 7.85 10.03
N HIS C 359 -28.82 8.64 10.46
CA HIS C 359 -28.67 9.99 11.07
C HIS C 359 -28.95 9.81 12.56
N SER C 360 -28.18 10.48 13.42
CA SER C 360 -28.53 10.64 14.85
C SER C 360 -28.79 9.29 15.54
N THR C 361 -27.91 8.29 15.34
CA THR C 361 -27.82 7.08 16.19
C THR C 361 -26.45 6.99 16.87
N LEU C 362 -26.41 6.17 17.90
CA LEU C 362 -25.19 5.95 18.73
C LEU C 362 -24.11 5.29 17.88
N PRO C 363 -22.87 5.83 17.86
CA PRO C 363 -21.74 5.21 17.15
C PRO C 363 -21.49 3.78 17.66
N THR C 364 -21.18 2.86 16.76
CA THR C 364 -20.92 1.42 17.06
C THR C 364 -19.53 1.10 16.52
N ALA C 365 -19.02 -0.09 16.82
CA ALA C 365 -17.64 -0.49 16.44
C ALA C 365 -17.44 -2.00 16.39
N HIS C 366 -16.39 -2.41 15.68
CA HIS C 366 -15.98 -3.83 15.47
C HIS C 366 -14.48 -3.91 15.71
N THR C 367 -14.08 -4.31 16.93
CA THR C 367 -12.74 -4.10 17.52
C THR C 367 -11.72 -5.08 16.92
N CYS C 368 -12.20 -6.17 16.33
CA CYS C 368 -11.30 -7.12 15.64
C CYS C 368 -10.85 -6.55 14.31
N PHE C 369 -11.51 -5.52 13.82
CA PHE C 369 -11.12 -4.88 12.56
C PHE C 369 -10.80 -3.42 12.78
N ASN C 370 -10.76 -2.98 14.01
CA ASN C 370 -10.49 -1.61 14.40
C ASN C 370 -11.36 -0.69 13.58
N GLN C 371 -12.65 -0.92 13.66
CA GLN C 371 -13.62 -0.23 12.83
C GLN C 371 -14.58 0.61 13.64
N LEU C 372 -14.72 1.85 13.24
CA LEU C 372 -15.74 2.73 13.83
C LEU C 372 -16.87 2.92 12.83
N CYS C 373 -18.11 2.57 13.24
CA CYS C 373 -19.34 2.76 12.43
C CYS C 373 -19.97 4.10 12.81
N LEU C 374 -19.60 5.15 12.05
CA LEU C 374 -19.96 6.55 12.33
C LEU C 374 -21.20 6.91 11.52
N PRO C 375 -22.37 7.08 12.17
CA PRO C 375 -23.57 7.55 11.47
C PRO C 375 -23.36 8.93 10.83
N THR C 376 -24.07 9.22 9.75
CA THR C 376 -23.88 10.49 8.99
C THR C 376 -24.75 11.56 9.67
N TYR C 377 -24.14 12.31 10.60
CA TYR C 377 -24.81 13.20 11.58
C TYR C 377 -25.21 14.48 10.83
N ASP C 378 -26.12 15.25 11.43
CA ASP C 378 -26.80 16.42 10.84
C ASP C 378 -26.03 17.68 11.26
N SER C 379 -25.58 17.73 12.51
CA SER C 379 -24.96 18.94 13.17
C SER C 379 -23.61 18.62 13.81
N TYR C 380 -22.64 19.54 13.74
CA TYR C 380 -21.37 19.47 14.50
C TYR C 380 -21.70 19.03 15.93
N GLU C 381 -22.72 19.64 16.54
CA GLU C 381 -23.08 19.47 17.97
C GLU C 381 -23.09 17.95 18.21
N GLU C 382 -23.84 17.21 17.36
CA GLU C 382 -24.21 15.77 17.63
C GLU C 382 -23.03 14.84 17.37
N VAL C 383 -22.04 15.24 16.53
CA VAL C 383 -20.72 14.58 16.44
C VAL C 383 -20.01 14.67 17.79
N HIS C 384 -19.91 15.89 18.32
CA HIS C 384 -19.26 16.24 19.62
C HIS C 384 -19.87 15.44 20.77
N ARG C 385 -21.21 15.37 20.87
CA ARG C 385 -21.95 14.67 21.95
C ARG C 385 -21.64 13.17 21.88
N MET C 386 -21.43 12.64 20.68
CA MET C 386 -21.42 11.18 20.41
C MET C 386 -20.02 10.62 20.53
N LEU C 387 -18.98 11.44 20.26
CA LEU C 387 -17.57 11.05 20.47
C LEU C 387 -17.13 11.26 21.93
N GLN C 388 -18.08 11.54 22.84
CA GLN C 388 -17.78 11.73 24.28
C GLN C 388 -17.52 10.35 24.85
N LEU C 389 -18.33 9.37 24.45
CA LEU C 389 -18.09 7.92 24.74
C LEU C 389 -18.19 7.11 23.43
#